data_3TG9
#
_entry.id   3TG9
#
_cell.length_a   65.241
_cell.length_b   79.800
_cell.length_c   74.443
_cell.angle_alpha   90.00
_cell.angle_beta   100.49
_cell.angle_gamma   90.00
#
_symmetry.space_group_name_H-M   'P 1 21 1'
#
loop_
_entity.id
_entity.type
_entity.pdbx_description
1 polymer 'Penicillin-binding protein'
2 water water
#
_entity_poly.entity_id   1
_entity_poly.type   'polypeptide(L)'
_entity_poly.pdbx_seq_one_letter_code
;MVMKNHLHTIMEDWKLSGTALMKKGEDIPFIASLGFANRAERIPNEHHTRFGIASGCKLFTAIAICQLVEAGKLSFDTPL
SDWLDAPFPNVTIHHLLTHTSGVPDYFDEEITDDFEDLWKDVPMYHLRRLKDFLPLFQHAPMKFPPGHRFHYNNAGFILL
GLVVESVSGVTFQEYVEANVFQRAGMHESGYFAFDTLPAKTALGYIDLEDGSWKTNLYSLPVIGGSDGGAYVTAEDMMKL
WLALMRHELLNETYTQKLLTPHVHCEDDDYYGYGVWIKQQDGAISKYHVMGYDPGVCFHSAFYPTSNGIVVVCANQSSGA
YDVMAAIEALFSEAAENLYFQSHHHHHHWSHPQFEK
;
_entity_poly.pdbx_strand_id   A,B
#
# COMPACT_ATOMS: atom_id res chain seq x y z
N MET A 3 -26.19 3.46 -20.20
CA MET A 3 -27.53 4.07 -20.26
C MET A 3 -28.17 4.26 -18.88
N LYS A 4 -28.63 5.47 -18.61
CA LYS A 4 -29.12 5.84 -17.30
C LYS A 4 -30.36 5.11 -16.81
N ASN A 5 -30.40 4.85 -15.52
CA ASN A 5 -31.55 4.33 -14.85
C ASN A 5 -31.75 5.03 -13.52
N HIS A 6 -32.79 4.67 -12.78
CA HIS A 6 -33.09 5.38 -11.57
C HIS A 6 -32.06 5.25 -10.45
N LEU A 7 -31.24 4.21 -10.48
CA LEU A 7 -30.16 4.03 -9.52
C LEU A 7 -29.10 5.12 -9.66
N HIS A 8 -28.82 5.50 -10.88
CA HIS A 8 -27.92 6.58 -11.16
C HIS A 8 -28.35 7.85 -10.44
N THR A 9 -29.65 8.07 -10.42
CA THR A 9 -30.19 9.27 -9.81
C THR A 9 -30.01 9.23 -8.30
N ILE A 10 -30.30 8.06 -7.72
CA ILE A 10 -30.14 7.88 -6.29
C ILE A 10 -28.67 8.05 -5.89
N MET A 11 -27.78 7.35 -6.57
CA MET A 11 -26.35 7.46 -6.29
C MET A 11 -25.83 8.89 -6.45
N GLU A 12 -26.29 9.56 -7.49
CA GLU A 12 -25.93 10.95 -7.74
C GLU A 12 -26.42 11.85 -6.59
N ASP A 13 -27.67 11.66 -6.18
CA ASP A 13 -28.24 12.44 -5.08
C ASP A 13 -27.47 12.30 -3.77
N TRP A 14 -26.90 11.12 -3.53
CA TRP A 14 -26.18 10.88 -2.29
C TRP A 14 -24.68 10.99 -2.44
N LYS A 15 -24.23 11.36 -3.64
CA LYS A 15 -22.80 11.48 -3.91
C LYS A 15 -22.09 10.21 -3.49
N LEU A 16 -22.61 9.07 -3.92
CA LEU A 16 -21.99 7.79 -3.58
C LEU A 16 -21.08 7.33 -4.72
N SER A 17 -19.79 7.17 -4.41
CA SER A 17 -18.87 6.56 -5.35
C SER A 17 -18.93 5.05 -5.18
N GLY A 18 -19.38 4.34 -6.21
CA GLY A 18 -19.44 2.89 -6.21
C GLY A 18 -20.32 2.31 -7.30
N THR A 19 -20.83 1.11 -7.06
CA THR A 19 -21.78 0.47 -7.96
C THR A 19 -22.95 -0.08 -7.15
N ALA A 20 -24.17 0.23 -7.59
CA ALA A 20 -25.39 -0.28 -6.95
C ALA A 20 -26.19 -1.14 -7.91
N LEU A 21 -27.00 -2.04 -7.34
CA LEU A 21 -27.75 -3.01 -8.14
C LEU A 21 -29.12 -3.31 -7.53
N MET A 22 -30.12 -3.49 -8.38
CA MET A 22 -31.46 -3.86 -7.93
C MET A 22 -32.03 -4.92 -8.85
N LYS A 23 -32.50 -6.02 -8.30
CA LYS A 23 -33.16 -7.06 -9.09
C LYS A 23 -34.53 -7.39 -8.52
N LYS A 24 -35.56 -7.30 -9.36
CA LYS A 24 -36.92 -7.54 -8.93
C LYS A 24 -37.35 -8.93 -9.38
N GLY A 25 -37.48 -9.84 -8.43
CA GLY A 25 -37.84 -11.20 -8.75
C GLY A 25 -37.05 -11.79 -9.90
N GLU A 26 -37.70 -11.97 -11.05
CA GLU A 26 -37.06 -12.61 -12.18
C GLU A 26 -36.57 -11.62 -13.25
N ASP A 27 -36.80 -10.33 -13.00
CA ASP A 27 -36.42 -9.29 -13.96
C ASP A 27 -34.91 -9.20 -14.15
N ILE A 28 -34.49 -8.57 -15.25
CA ILE A 28 -33.10 -8.20 -15.44
C ILE A 28 -32.79 -7.10 -14.45
N PRO A 29 -31.63 -7.21 -13.78
CA PRO A 29 -31.27 -6.23 -12.75
C PRO A 29 -30.99 -4.86 -13.35
N PHE A 30 -31.17 -3.81 -12.56
CA PHE A 30 -30.66 -2.48 -12.89
C PHE A 30 -29.31 -2.36 -12.21
N ILE A 31 -28.32 -1.78 -12.89
CA ILE A 31 -27.01 -1.56 -12.28
C ILE A 31 -26.54 -0.15 -12.59
N ALA A 32 -25.88 0.50 -11.64
CA ALA A 32 -25.34 1.84 -11.89
C ALA A 32 -24.01 2.05 -11.18
N SER A 33 -23.07 2.70 -11.86
CA SER A 33 -21.80 3.09 -11.24
C SER A 33 -21.62 4.61 -11.28
N LEU A 34 -20.90 5.14 -10.29
CA LEU A 34 -20.60 6.57 -10.20
C LEU A 34 -19.27 6.73 -9.48
N GLY A 35 -18.60 7.86 -9.70
CA GLY A 35 -17.35 8.17 -9.02
C GLY A 35 -16.16 7.37 -9.53
N PHE A 36 -15.00 7.56 -8.89
CA PHE A 36 -13.76 6.91 -9.32
C PHE A 36 -13.35 5.72 -8.47
N ALA A 37 -13.06 4.62 -9.15
CA ALA A 37 -12.33 3.49 -8.59
C ALA A 37 -10.93 3.95 -8.15
N ASN A 38 -10.36 4.91 -8.89
CA ASN A 38 -9.04 5.45 -8.58
C ASN A 38 -9.11 6.93 -8.87
N ARG A 39 -9.04 7.73 -7.82
CA ARG A 39 -9.17 9.18 -7.95
C ARG A 39 -8.01 9.83 -8.70
N ALA A 40 -6.79 9.50 -8.33
CA ALA A 40 -5.63 10.15 -8.94
C ALA A 40 -5.57 9.85 -10.43
N GLU A 41 -5.89 8.62 -10.82
CA GLU A 41 -5.84 8.24 -12.23
C GLU A 41 -7.17 8.50 -12.94
N ARG A 42 -8.16 8.98 -12.20
CA ARG A 42 -9.48 9.24 -12.75
C ARG A 42 -9.98 8.02 -13.56
N ILE A 43 -9.81 6.85 -12.96
CA ILE A 43 -10.39 5.63 -13.48
C ILE A 43 -11.78 5.47 -12.88
N PRO A 44 -12.84 5.60 -13.71
CA PRO A 44 -14.23 5.55 -13.23
C PRO A 44 -14.62 4.19 -12.69
N ASN A 45 -15.49 4.19 -11.69
CA ASN A 45 -16.14 2.97 -11.25
C ASN A 45 -17.01 2.47 -12.40
N GLU A 46 -16.96 1.17 -12.66
CA GLU A 46 -17.84 0.58 -13.65
C GLU A 46 -18.55 -0.64 -13.05
N HIS A 47 -19.51 -1.20 -13.77
CA HIS A 47 -20.29 -2.32 -13.22
C HIS A 47 -19.41 -3.50 -12.80
N HIS A 48 -18.31 -3.70 -13.53
CA HIS A 48 -17.44 -4.85 -13.25
C HIS A 48 -16.30 -4.51 -12.30
N THR A 49 -16.41 -3.38 -11.63
CA THR A 49 -15.40 -2.99 -10.66
C THR A 49 -15.60 -3.83 -9.39
N ARG A 50 -14.50 -4.28 -8.79
CA ARG A 50 -14.60 -4.99 -7.52
C ARG A 50 -14.43 -4.06 -6.33
N PHE A 51 -15.20 -4.29 -5.29
CA PHE A 51 -15.16 -3.44 -4.10
C PHE A 51 -14.93 -4.31 -2.89
N GLY A 52 -14.17 -3.80 -1.93
CA GLY A 52 -14.08 -4.46 -0.64
C GLY A 52 -15.43 -4.30 0.02
N ILE A 53 -15.84 -5.27 0.83
CA ILE A 53 -17.15 -5.21 1.44
C ILE A 53 -17.10 -5.39 2.96
N ALA A 54 -15.90 -5.25 3.52
CA ALA A 54 -15.71 -5.42 4.96
C ALA A 54 -16.56 -6.58 5.49
N SER A 55 -17.36 -6.32 6.52
CA SER A 55 -18.10 -7.40 7.19
C SER A 55 -19.14 -8.10 6.33
N GLY A 56 -19.41 -7.57 5.14
CA GLY A 56 -20.40 -8.18 4.28
C GLY A 56 -20.13 -9.65 4.06
N CYS A 57 -18.87 -10.07 4.16
CA CYS A 57 -18.52 -11.44 3.80
C CYS A 57 -18.60 -12.44 4.97
N LYS A 58 -18.97 -11.97 6.16
CA LYS A 58 -19.25 -12.87 7.26
C LYS A 58 -20.26 -13.91 6.78
N LEU A 59 -21.11 -13.51 5.83
CA LEU A 59 -22.09 -14.43 5.27
C LEU A 59 -21.43 -15.60 4.53
N PHE A 60 -20.32 -15.32 3.84
CA PHE A 60 -19.59 -16.35 3.11
C PHE A 60 -19.00 -17.34 4.09
N THR A 61 -18.53 -16.82 5.22
CA THR A 61 -17.99 -17.66 6.27
C THR A 61 -19.06 -18.60 6.82
N ALA A 62 -20.25 -18.08 7.04
CA ALA A 62 -21.34 -18.86 7.57
C ALA A 62 -21.82 -19.94 6.58
N ILE A 63 -21.85 -19.60 5.30
CA ILE A 63 -22.21 -20.59 4.27
C ILE A 63 -21.21 -21.74 4.28
N ALA A 64 -19.93 -21.38 4.29
CA ALA A 64 -18.85 -22.34 4.32
C ALA A 64 -18.99 -23.32 5.48
N ILE A 65 -19.18 -22.78 6.68
CA ILE A 65 -19.36 -23.60 7.88
C ILE A 65 -20.56 -24.53 7.70
N CYS A 66 -21.70 -23.98 7.27
CA CYS A 66 -22.89 -24.78 7.00
C CYS A 66 -22.65 -25.89 5.99
N GLN A 67 -21.83 -25.64 4.97
CA GLN A 67 -21.52 -26.67 4.00
C GLN A 67 -20.79 -27.83 4.69
N LEU A 68 -19.87 -27.50 5.60
CA LEU A 68 -19.10 -28.52 6.31
C LEU A 68 -20.02 -29.35 7.21
N VAL A 69 -20.95 -28.68 7.89
CA VAL A 69 -21.95 -29.36 8.71
C VAL A 69 -22.84 -30.22 7.83
N GLU A 70 -23.33 -29.65 6.73
CA GLU A 70 -24.16 -30.42 5.81
C GLU A 70 -23.40 -31.66 5.31
N ALA A 71 -22.10 -31.49 5.10
CA ALA A 71 -21.22 -32.58 4.65
C ALA A 71 -20.95 -33.64 5.72
N GLY A 72 -21.24 -33.34 6.98
CA GLY A 72 -21.11 -34.31 8.05
C GLY A 72 -19.74 -34.31 8.70
N LYS A 73 -18.98 -33.23 8.50
CA LYS A 73 -17.63 -33.12 9.03
C LYS A 73 -17.61 -32.33 10.32
N LEU A 74 -18.79 -31.94 10.80
CA LEU A 74 -18.88 -30.93 11.84
C LEU A 74 -20.34 -30.79 12.25
N SER A 75 -20.59 -30.40 13.50
CA SER A 75 -21.94 -30.12 13.98
C SER A 75 -22.02 -28.69 14.49
N PHE A 76 -23.21 -28.10 14.46
CA PHE A 76 -23.35 -26.75 14.99
C PHE A 76 -23.03 -26.74 16.47
N ASP A 77 -23.17 -27.91 17.10
CA ASP A 77 -22.93 -28.04 18.53
C ASP A 77 -21.53 -28.56 18.82
N THR A 78 -20.71 -28.69 17.79
CA THR A 78 -19.30 -29.10 17.97
C THR A 78 -18.55 -28.06 18.77
N PRO A 79 -17.84 -28.48 19.84
CA PRO A 79 -16.99 -27.58 20.62
C PRO A 79 -15.84 -27.08 19.78
N LEU A 80 -15.40 -25.85 20.02
CA LEU A 80 -14.31 -25.27 19.28
C LEU A 80 -13.04 -26.08 19.57
N SER A 81 -12.97 -26.64 20.77
CA SER A 81 -11.81 -27.40 21.24
C SER A 81 -11.55 -28.68 20.45
N ASP A 82 -12.50 -29.09 19.62
CA ASP A 82 -12.30 -30.28 18.81
C ASP A 82 -11.46 -29.98 17.58
N TRP A 83 -11.26 -28.69 17.30
CA TRP A 83 -10.59 -28.28 16.07
C TRP A 83 -9.52 -27.21 16.24
N LEU A 84 -9.62 -26.40 17.29
CA LEU A 84 -8.64 -25.36 17.49
C LEU A 84 -7.92 -25.57 18.81
N ASP A 85 -6.64 -25.21 18.85
CA ASP A 85 -5.84 -25.39 20.06
C ASP A 85 -6.00 -24.24 21.04
N ALA A 86 -6.02 -23.02 20.52
CA ALA A 86 -6.28 -21.87 21.37
C ALA A 86 -7.56 -22.17 22.11
N PRO A 87 -7.52 -22.11 23.45
CA PRO A 87 -8.70 -22.54 24.20
C PRO A 87 -9.75 -21.45 24.44
N PHE A 88 -11.00 -21.78 24.15
CA PHE A 88 -12.14 -20.93 24.49
C PHE A 88 -13.23 -21.87 25.01
N PRO A 89 -13.17 -22.19 26.31
CA PRO A 89 -13.97 -23.25 26.94
C PRO A 89 -15.48 -23.08 26.74
N ASN A 90 -16.13 -24.19 26.37
CA ASN A 90 -17.56 -24.26 26.16
C ASN A 90 -18.09 -23.52 24.93
N VAL A 91 -17.21 -22.87 24.16
CA VAL A 91 -17.65 -22.22 22.93
C VAL A 91 -17.96 -23.24 21.83
N THR A 92 -19.14 -23.12 21.26
CA THR A 92 -19.62 -23.99 20.20
C THR A 92 -19.61 -23.25 18.86
N ILE A 93 -19.59 -23.99 17.75
CA ILE A 93 -19.71 -23.37 16.42
C ILE A 93 -20.93 -22.44 16.34
N HIS A 94 -22.10 -22.94 16.73
CA HIS A 94 -23.34 -22.17 16.81
C HIS A 94 -23.19 -20.84 17.55
N HIS A 95 -22.53 -20.83 18.70
CA HIS A 95 -22.31 -19.57 19.43
C HIS A 95 -21.55 -18.57 18.55
N LEU A 96 -20.52 -19.06 17.86
CA LEU A 96 -19.69 -18.21 17.01
C LEU A 96 -20.50 -17.63 15.86
N LEU A 97 -21.30 -18.48 15.22
CA LEU A 97 -22.09 -18.09 14.05
C LEU A 97 -23.15 -17.06 14.40
N THR A 98 -23.52 -16.98 15.67
CA THR A 98 -24.60 -16.10 16.09
C THR A 98 -24.08 -14.95 16.96
N HIS A 99 -22.77 -14.87 17.10
CA HIS A 99 -22.15 -13.83 17.92
C HIS A 99 -22.57 -13.93 19.39
N THR A 100 -22.74 -15.14 19.90
CA THR A 100 -23.14 -15.30 21.30
C THR A 100 -22.11 -16.07 22.12
N SER A 101 -20.92 -16.24 21.56
CA SER A 101 -19.89 -17.09 22.16
C SER A 101 -19.19 -16.48 23.38
N GLY A 102 -19.17 -15.16 23.49
CA GLY A 102 -18.51 -14.51 24.61
C GLY A 102 -16.99 -14.44 24.56
N VAL A 103 -16.39 -14.85 23.43
CA VAL A 103 -14.93 -14.82 23.30
C VAL A 103 -14.43 -13.39 23.27
N PRO A 104 -13.15 -13.19 23.60
CA PRO A 104 -12.50 -11.88 23.50
C PRO A 104 -12.45 -11.45 22.04
N ASP A 105 -12.42 -10.16 21.77
CA ASP A 105 -12.33 -9.67 20.40
C ASP A 105 -11.02 -8.92 20.25
N TYR A 106 -10.49 -8.89 19.04
CA TYR A 106 -9.38 -7.99 18.75
C TYR A 106 -9.93 -6.62 18.35
N PHE A 107 -11.23 -6.57 18.07
CA PHE A 107 -11.90 -5.36 17.64
C PHE A 107 -13.44 -5.47 17.70
N ASP A 108 -14.11 -4.90 18.71
CA ASP A 108 -13.57 -4.19 19.86
C ASP A 108 -14.68 -3.24 20.34
N GLU A 116 -6.69 3.14 12.69
CA GLU A 116 -6.07 2.06 13.43
C GLU A 116 -5.11 2.49 14.51
N ASP A 117 -5.62 2.68 15.73
CA ASP A 117 -4.76 2.51 16.89
C ASP A 117 -4.33 1.07 16.72
N LEU A 118 -5.16 0.35 15.96
CA LEU A 118 -5.05 -1.07 15.71
C LEU A 118 -3.71 -1.50 15.09
N TRP A 119 -3.41 -0.99 13.89
CA TRP A 119 -2.20 -1.40 13.19
C TRP A 119 -1.07 -0.40 13.40
N LYS A 120 -1.22 0.42 14.44
CA LYS A 120 -0.20 1.39 14.81
C LYS A 120 1.02 0.66 15.34
N ASP A 121 0.79 -0.46 16.02
CA ASP A 121 1.84 -1.26 16.61
C ASP A 121 2.10 -2.51 15.79
N VAL A 122 1.04 -3.02 15.17
CA VAL A 122 1.09 -4.28 14.44
C VAL A 122 0.98 -4.03 12.93
N PRO A 123 2.02 -4.42 12.19
CA PRO A 123 2.04 -4.17 10.75
C PRO A 123 0.87 -4.89 10.10
N MET A 124 -0.07 -4.15 9.51
CA MET A 124 -1.25 -4.79 8.92
C MET A 124 -0.87 -5.68 7.73
N TYR A 125 0.33 -5.50 7.20
CA TYR A 125 0.75 -6.28 6.05
C TYR A 125 1.33 -7.64 6.46
N HIS A 126 1.44 -7.86 7.77
CA HIS A 126 1.79 -9.21 8.17
C HIS A 126 0.62 -10.03 8.71
N LEU A 127 -0.59 -9.53 8.50
CA LEU A 127 -1.82 -10.30 8.73
C LEU A 127 -2.28 -10.94 7.42
N ARG A 128 -1.57 -11.98 6.99
CA ARG A 128 -1.81 -12.58 5.70
C ARG A 128 -2.59 -13.88 5.86
N ARG A 129 -2.59 -14.42 7.08
CA ARG A 129 -3.32 -15.67 7.42
C ARG A 129 -4.17 -15.46 8.67
N LEU A 130 -5.32 -16.16 8.75
CA LEU A 130 -6.22 -16.03 9.88
C LEU A 130 -5.45 -16.22 11.16
N LYS A 131 -4.57 -17.21 11.11
CA LYS A 131 -3.67 -17.53 12.21
C LYS A 131 -3.00 -16.29 12.76
N ASP A 132 -2.64 -15.35 11.88
CA ASP A 132 -1.97 -14.13 12.34
C ASP A 132 -2.83 -13.23 13.23
N PHE A 133 -4.12 -13.53 13.35
CA PHE A 133 -4.98 -12.73 14.22
C PHE A 133 -4.99 -13.17 15.68
N LEU A 134 -4.79 -14.47 15.92
CA LEU A 134 -4.92 -15.05 17.26
C LEU A 134 -4.19 -14.29 18.37
N PRO A 135 -2.90 -13.94 18.15
CA PRO A 135 -2.14 -13.23 19.17
C PRO A 135 -2.87 -11.97 19.65
N LEU A 136 -3.80 -11.45 18.84
CA LEU A 136 -4.48 -10.21 19.18
C LEU A 136 -5.64 -10.39 20.16
N PHE A 137 -6.04 -11.63 20.43
CA PHE A 137 -7.18 -11.85 21.30
C PHE A 137 -7.15 -13.16 22.11
N GLN A 138 -6.32 -14.12 21.71
CA GLN A 138 -6.41 -15.46 22.27
C GLN A 138 -6.03 -15.54 23.74
N HIS A 139 -5.35 -14.52 24.26
CA HIS A 139 -4.90 -14.57 25.63
C HIS A 139 -5.81 -13.74 26.53
N ALA A 140 -6.66 -12.93 25.92
CA ALA A 140 -7.60 -12.12 26.67
C ALA A 140 -8.72 -12.99 27.26
N PRO A 141 -9.30 -12.55 28.38
CA PRO A 141 -10.34 -13.30 29.10
C PRO A 141 -11.69 -13.33 28.38
N MET A 142 -12.41 -14.44 28.55
CA MET A 142 -13.78 -14.54 28.06
C MET A 142 -14.60 -13.41 28.64
N LYS A 143 -15.61 -12.95 27.90
CA LYS A 143 -16.40 -11.82 28.33
C LYS A 143 -17.62 -12.28 29.11
N PHE A 144 -18.14 -13.45 28.74
CA PHE A 144 -19.34 -14.00 29.36
C PHE A 144 -19.52 -15.43 28.91
N PRO A 145 -20.35 -16.20 29.63
CA PRO A 145 -20.53 -17.62 29.29
C PRO A 145 -21.09 -17.79 27.89
N PRO A 146 -20.54 -18.74 27.12
CA PRO A 146 -21.03 -18.91 25.75
C PRO A 146 -22.52 -19.15 25.75
N GLY A 147 -23.22 -18.58 24.77
CA GLY A 147 -24.67 -18.74 24.66
C GLY A 147 -25.46 -17.72 25.45
N HIS A 148 -24.78 -16.98 26.32
CA HIS A 148 -25.45 -16.14 27.31
C HIS A 148 -26.09 -14.89 26.71
N ARG A 149 -25.36 -14.27 25.78
CA ARG A 149 -25.64 -12.90 25.36
C ARG A 149 -25.22 -12.71 23.91
N PHE A 150 -25.93 -11.85 23.18
CA PHE A 150 -25.47 -11.42 21.86
C PHE A 150 -24.47 -10.28 21.98
N HIS A 151 -23.28 -10.47 21.42
CA HIS A 151 -22.35 -9.38 21.25
C HIS A 151 -21.55 -9.57 19.98
N TYR A 152 -21.82 -8.72 18.99
CA TYR A 152 -21.18 -8.81 17.69
C TYR A 152 -19.66 -8.91 17.87
N ASN A 153 -19.05 -9.94 17.30
CA ASN A 153 -17.66 -10.25 17.57
C ASN A 153 -16.93 -10.60 16.27
N ASN A 154 -15.85 -9.88 15.96
CA ASN A 154 -15.04 -10.14 14.77
C ASN A 154 -14.08 -11.33 14.94
N ALA A 155 -13.35 -11.34 16.05
CA ALA A 155 -12.52 -12.49 16.42
C ALA A 155 -13.30 -13.79 16.33
N GLY A 156 -14.58 -13.74 16.68
CA GLY A 156 -15.45 -14.91 16.60
C GLY A 156 -15.45 -15.48 15.19
N PHE A 157 -15.48 -14.61 14.19
CA PHE A 157 -15.50 -15.10 12.82
C PHE A 157 -14.12 -15.47 12.29
N ILE A 158 -13.07 -14.89 12.88
CA ILE A 158 -11.70 -15.37 12.65
C ILE A 158 -11.59 -16.85 13.08
N LEU A 159 -12.06 -17.15 14.29
CA LEU A 159 -12.06 -18.52 14.81
C LEU A 159 -12.83 -19.48 13.90
N LEU A 160 -13.97 -19.02 13.37
CA LEU A 160 -14.75 -19.80 12.42
C LEU A 160 -13.99 -20.06 11.11
N GLY A 161 -13.22 -19.06 10.67
CA GLY A 161 -12.36 -19.23 9.52
C GLY A 161 -11.30 -20.30 9.78
N LEU A 162 -10.72 -20.28 10.98
CA LEU A 162 -9.72 -21.26 11.38
C LEU A 162 -10.30 -22.66 11.44
N VAL A 163 -11.58 -22.76 11.82
CA VAL A 163 -12.26 -24.04 11.83
C VAL A 163 -12.41 -24.56 10.41
N VAL A 164 -12.78 -23.66 9.47
CA VAL A 164 -12.93 -24.04 8.07
C VAL A 164 -11.59 -24.58 7.52
N GLU A 165 -10.48 -23.98 7.93
CA GLU A 165 -9.17 -24.41 7.43
C GLU A 165 -8.81 -25.76 8.01
N SER A 166 -9.08 -25.92 9.29
CA SER A 166 -8.74 -27.14 10.01
C SER A 166 -9.52 -28.34 9.48
N VAL A 167 -10.82 -28.16 9.32
CA VAL A 167 -11.71 -29.20 8.77
C VAL A 167 -11.42 -29.53 7.30
N SER A 168 -11.22 -28.50 6.48
CA SER A 168 -11.06 -28.67 5.03
C SER A 168 -9.62 -28.95 4.56
N GLY A 169 -8.63 -28.44 5.31
CA GLY A 169 -7.25 -28.72 5.00
C GLY A 169 -6.66 -27.74 3.99
N VAL A 170 -7.45 -26.76 3.57
CA VAL A 170 -6.98 -25.71 2.69
C VAL A 170 -7.15 -24.37 3.37
N THR A 171 -6.68 -23.28 2.75
CA THR A 171 -6.84 -21.96 3.35
C THR A 171 -8.31 -21.54 3.29
N PHE A 172 -8.70 -20.67 4.21
CA PHE A 172 -10.07 -20.17 4.23
C PHE A 172 -10.41 -19.56 2.88
N GLN A 173 -9.52 -18.71 2.38
CA GLN A 173 -9.69 -18.08 1.07
C GLN A 173 -9.86 -19.10 -0.07
N GLU A 174 -9.02 -20.13 -0.09
CA GLU A 174 -9.18 -21.20 -1.08
C GLU A 174 -10.51 -21.93 -0.91
N TYR A 175 -10.88 -22.24 0.32
CA TYR A 175 -12.14 -22.93 0.50
C TYR A 175 -13.30 -22.09 -0.05
N VAL A 176 -13.37 -20.83 0.34
CA VAL A 176 -14.50 -20.01 -0.07
C VAL A 176 -14.54 -19.77 -1.57
N GLU A 177 -13.39 -19.44 -2.15
CA GLU A 177 -13.34 -19.23 -3.59
C GLU A 177 -13.86 -20.45 -4.36
N ALA A 178 -13.53 -21.65 -3.88
CA ALA A 178 -13.90 -22.88 -4.59
C ALA A 178 -15.33 -23.34 -4.33
N ASN A 179 -15.75 -23.29 -3.07
CA ASN A 179 -17.02 -23.89 -2.68
C ASN A 179 -18.15 -22.88 -2.51
N VAL A 180 -17.80 -21.59 -2.48
CA VAL A 180 -18.80 -20.55 -2.42
C VAL A 180 -18.84 -19.79 -3.74
N PHE A 181 -17.79 -19.03 -4.02
CA PHE A 181 -17.78 -18.22 -5.23
C PHE A 181 -18.01 -19.03 -6.49
N GLN A 182 -17.24 -20.10 -6.67
CA GLN A 182 -17.35 -20.86 -7.90
C GLN A 182 -18.70 -21.56 -8.00
N ARG A 183 -19.19 -22.12 -6.89
CA ARG A 183 -20.49 -22.78 -6.88
C ARG A 183 -21.67 -21.83 -7.10
N ALA A 184 -21.45 -20.52 -6.95
CA ALA A 184 -22.52 -19.55 -7.16
C ALA A 184 -22.42 -18.87 -8.53
N GLY A 185 -21.31 -19.08 -9.22
CA GLY A 185 -21.08 -18.47 -10.52
C GLY A 185 -20.40 -17.12 -10.39
N MET A 186 -19.75 -16.91 -9.25
CA MET A 186 -19.14 -15.62 -8.96
C MET A 186 -17.67 -15.59 -9.45
N HIS A 187 -17.47 -15.34 -10.74
CA HIS A 187 -16.15 -15.49 -11.35
C HIS A 187 -15.28 -14.25 -11.24
N GLU A 188 -15.79 -13.22 -10.59
CA GLU A 188 -15.08 -11.95 -10.52
C GLU A 188 -14.83 -11.51 -9.08
N SER A 189 -14.99 -12.45 -8.15
CA SER A 189 -14.90 -12.14 -6.72
C SER A 189 -13.66 -12.80 -6.15
N GLY A 190 -13.11 -12.24 -5.07
CA GLY A 190 -11.90 -12.82 -4.51
C GLY A 190 -11.43 -12.14 -3.25
N TYR A 191 -10.50 -12.80 -2.57
CA TYR A 191 -9.84 -12.20 -1.41
C TYR A 191 -8.52 -11.61 -1.84
N PHE A 192 -8.59 -10.44 -2.46
CA PHE A 192 -7.40 -9.76 -2.98
C PHE A 192 -6.61 -9.04 -1.89
N ALA A 193 -5.29 -9.08 -2.01
CA ALA A 193 -4.40 -8.33 -1.13
C ALA A 193 -4.02 -7.01 -1.77
N PHE A 194 -3.82 -5.98 -0.94
CA PHE A 194 -3.51 -4.65 -1.47
C PHE A 194 -2.27 -4.65 -2.35
N ASP A 195 -1.29 -5.48 -2.02
CA ASP A 195 -0.03 -5.45 -2.77
C ASP A 195 -0.06 -6.28 -4.06
N THR A 196 -1.22 -6.83 -4.37
CA THR A 196 -1.36 -7.63 -5.60
C THR A 196 -2.73 -7.44 -6.25
N LEU A 197 -3.31 -6.24 -6.13
CA LEU A 197 -4.66 -5.99 -6.62
C LEU A 197 -4.77 -6.18 -8.13
N PRO A 198 -5.77 -6.94 -8.58
CA PRO A 198 -5.94 -7.17 -10.01
C PRO A 198 -6.63 -5.98 -10.65
N ALA A 199 -6.91 -6.10 -11.93
CA ALA A 199 -7.61 -5.06 -12.69
C ALA A 199 -9.04 -4.89 -12.18
N LYS A 200 -9.67 -3.79 -12.59
CA LYS A 200 -11.06 -3.50 -12.23
C LYS A 200 -11.29 -3.60 -10.72
N THR A 201 -10.36 -3.10 -9.92
CA THR A 201 -10.57 -3.09 -8.48
C THR A 201 -10.48 -1.68 -7.93
N ALA A 202 -11.49 -1.27 -7.15
CA ALA A 202 -11.52 0.07 -6.61
C ALA A 202 -10.55 0.22 -5.45
N LEU A 203 -9.98 1.41 -5.31
CA LEU A 203 -9.21 1.74 -4.13
C LEU A 203 -10.17 2.29 -3.07
N GLY A 204 -9.87 2.06 -1.80
CA GLY A 204 -10.70 2.57 -0.74
C GLY A 204 -10.19 3.93 -0.34
N TYR A 205 -11.07 4.93 -0.39
CA TYR A 205 -10.68 6.30 -0.06
C TYR A 205 -11.20 6.78 1.29
N ILE A 206 -10.29 7.34 2.07
CA ILE A 206 -10.60 7.97 3.34
C ILE A 206 -10.54 9.49 3.15
N ASP A 207 -11.67 10.14 3.41
CA ASP A 207 -11.76 11.58 3.27
C ASP A 207 -11.55 12.26 4.61
N LEU A 208 -10.50 13.06 4.67
CA LEU A 208 -10.08 13.68 5.92
C LEU A 208 -10.76 15.05 6.07
N GLU A 209 -10.70 15.59 7.28
CA GLU A 209 -11.36 16.85 7.59
C GLU A 209 -10.77 18.02 6.82
N ASP A 210 -9.48 17.95 6.56
CA ASP A 210 -8.78 19.04 5.88
C ASP A 210 -9.05 19.03 4.38
N GLY A 211 -10.07 18.28 3.98
CA GLY A 211 -10.50 18.25 2.59
C GLY A 211 -9.76 17.28 1.68
N SER A 212 -8.60 16.81 2.12
CA SER A 212 -7.81 15.90 1.31
C SER A 212 -8.27 14.46 1.47
N TRP A 213 -7.62 13.54 0.76
CA TRP A 213 -7.89 12.12 0.89
C TRP A 213 -6.62 11.28 0.96
N LYS A 214 -6.76 10.07 1.50
CA LYS A 214 -5.71 9.07 1.45
C LYS A 214 -6.38 7.72 1.18
N THR A 215 -5.64 6.77 0.61
CA THR A 215 -6.22 5.45 0.41
C THR A 215 -6.10 4.63 1.70
N ASN A 216 -6.86 3.54 1.80
CA ASN A 216 -6.92 2.76 3.04
C ASN A 216 -5.86 1.63 3.10
N LEU A 217 -4.83 1.73 2.27
CA LEU A 217 -3.78 0.71 2.12
C LEU A 217 -3.09 0.28 3.42
N TYR A 218 -3.06 1.18 4.40
CA TYR A 218 -2.43 0.90 5.67
C TYR A 218 -3.41 0.90 6.84
N SER A 219 -4.72 0.83 6.56
CA SER A 219 -5.75 0.97 7.58
C SER A 219 -6.53 -0.32 7.81
N LEU A 220 -6.32 -1.30 6.94
CA LEU A 220 -7.01 -2.61 7.04
C LEU A 220 -5.96 -3.71 6.99
N PRO A 221 -6.31 -4.92 7.42
CA PRO A 221 -5.43 -6.07 7.15
C PRO A 221 -5.17 -6.19 5.67
N VAL A 222 -3.95 -6.54 5.29
CA VAL A 222 -3.56 -6.51 3.89
C VAL A 222 -4.47 -7.33 2.97
N ILE A 223 -5.00 -8.43 3.48
CA ILE A 223 -5.89 -9.28 2.71
C ILE A 223 -7.14 -9.57 3.55
N GLY A 224 -8.28 -9.69 2.89
CA GLY A 224 -9.53 -9.98 3.58
C GLY A 224 -9.50 -11.40 4.12
N GLY A 225 -10.40 -11.68 5.05
CA GLY A 225 -10.51 -12.99 5.66
C GLY A 225 -11.94 -13.31 6.06
N SER A 226 -12.10 -14.08 7.12
CA SER A 226 -13.39 -14.65 7.48
C SER A 226 -14.29 -13.73 8.32
N ASP A 227 -13.72 -12.68 8.90
CA ASP A 227 -14.54 -11.69 9.58
C ASP A 227 -14.84 -10.48 8.68
N GLY A 228 -14.18 -10.40 7.52
CA GLY A 228 -14.46 -9.34 6.56
C GLY A 228 -13.34 -9.04 5.56
N GLY A 229 -13.67 -8.31 4.50
CA GLY A 229 -12.65 -7.81 3.59
C GLY A 229 -12.60 -8.44 2.21
N ALA A 230 -13.53 -9.32 1.90
CA ALA A 230 -13.57 -9.93 0.57
C ALA A 230 -13.96 -8.87 -0.46
N TYR A 231 -13.60 -9.12 -1.73
CA TYR A 231 -14.00 -8.25 -2.85
C TYR A 231 -15.06 -8.93 -3.70
N VAL A 232 -16.03 -8.15 -4.17
CA VAL A 232 -17.03 -8.65 -5.11
C VAL A 232 -17.43 -7.53 -6.06
N THR A 233 -18.02 -7.88 -7.20
CA THR A 233 -18.77 -6.93 -8.00
C THR A 233 -20.20 -6.97 -7.49
N ALA A 234 -21.01 -5.97 -7.84
CA ALA A 234 -22.41 -5.95 -7.41
C ALA A 234 -23.16 -7.15 -7.96
N GLU A 235 -22.93 -7.45 -9.24
CA GLU A 235 -23.61 -8.58 -9.87
C GLU A 235 -23.18 -9.92 -9.29
N ASP A 236 -21.90 -10.08 -8.98
CA ASP A 236 -21.47 -11.30 -8.27
C ASP A 236 -22.24 -11.45 -6.96
N MET A 237 -22.38 -10.35 -6.22
CA MET A 237 -23.07 -10.42 -4.94
C MET A 237 -24.54 -10.82 -5.13
N MET A 238 -25.17 -10.30 -6.18
CA MET A 238 -26.50 -10.72 -6.59
C MET A 238 -26.50 -12.22 -6.80
N LYS A 239 -25.50 -12.71 -7.53
CA LYS A 239 -25.41 -14.13 -7.83
C LYS A 239 -25.27 -14.96 -6.56
N LEU A 240 -24.56 -14.41 -5.58
CA LEU A 240 -24.45 -15.08 -4.30
C LEU A 240 -25.82 -15.27 -3.64
N TRP A 241 -26.61 -14.21 -3.57
CA TRP A 241 -27.94 -14.28 -2.98
C TRP A 241 -28.84 -15.28 -3.74
N LEU A 242 -28.73 -15.26 -5.07
CA LEU A 242 -29.49 -16.18 -5.91
C LEU A 242 -29.15 -17.65 -5.64
N ALA A 243 -27.87 -17.99 -5.66
CA ALA A 243 -27.44 -19.37 -5.39
C ALA A 243 -27.84 -19.82 -3.99
N LEU A 244 -27.71 -18.92 -3.02
CA LEU A 244 -28.15 -19.22 -1.66
C LEU A 244 -29.64 -19.56 -1.68
N MET A 245 -30.46 -18.63 -2.15
CA MET A 245 -31.90 -18.81 -2.04
C MET A 245 -32.42 -19.97 -2.90
N ARG A 246 -31.64 -20.37 -3.89
CA ARG A 246 -32.02 -21.46 -4.79
C ARG A 246 -31.48 -22.80 -4.28
N HIS A 247 -30.86 -22.78 -3.12
CA HIS A 247 -30.34 -24.00 -2.51
C HIS A 247 -29.23 -24.61 -3.35
N GLU A 248 -28.36 -23.77 -3.89
CA GLU A 248 -27.27 -24.24 -4.73
C GLU A 248 -25.97 -24.30 -3.94
N LEU A 249 -25.95 -23.65 -2.78
CA LEU A 249 -24.77 -23.65 -1.92
C LEU A 249 -24.98 -24.54 -0.71
N LEU A 250 -26.25 -24.75 -0.36
CA LEU A 250 -26.66 -25.61 0.74
C LEU A 250 -28.02 -26.21 0.37
N ASN A 251 -28.35 -27.36 0.95
CA ASN A 251 -29.67 -27.91 0.70
C ASN A 251 -30.67 -27.03 1.41
N GLU A 252 -31.96 -27.36 1.28
CA GLU A 252 -32.99 -26.53 1.86
C GLU A 252 -32.91 -26.52 3.39
N THR A 253 -32.64 -27.68 3.99
CA THR A 253 -32.55 -27.78 5.44
C THR A 253 -31.51 -26.82 5.98
N TYR A 254 -30.30 -26.88 5.42
CA TYR A 254 -29.21 -26.04 5.88
C TYR A 254 -29.32 -24.56 5.44
N THR A 255 -29.85 -24.30 4.26
CA THR A 255 -30.13 -22.91 3.87
C THR A 255 -31.03 -22.27 4.93
N GLN A 256 -32.05 -23.00 5.37
CA GLN A 256 -33.04 -22.48 6.28
C GLN A 256 -32.51 -22.31 7.71
N LYS A 257 -31.60 -23.20 8.12
CA LYS A 257 -30.91 -23.00 9.38
C LYS A 257 -30.06 -21.72 9.37
N LEU A 258 -29.39 -21.47 8.26
CA LEU A 258 -28.60 -20.25 8.13
C LEU A 258 -29.50 -19.02 8.25
N LEU A 259 -30.68 -19.13 7.65
CA LEU A 259 -31.61 -18.01 7.59
C LEU A 259 -32.55 -17.91 8.81
N THR A 260 -32.33 -18.75 9.82
CA THR A 260 -33.19 -18.77 11.00
C THR A 260 -32.80 -17.69 11.98
N PRO A 261 -33.80 -16.96 12.52
CA PRO A 261 -33.54 -15.91 13.52
C PRO A 261 -33.18 -16.55 14.85
N HIS A 262 -31.91 -16.90 15.03
CA HIS A 262 -31.49 -17.62 16.22
C HIS A 262 -31.42 -16.71 17.42
N VAL A 263 -31.15 -15.44 17.19
CA VAL A 263 -30.98 -14.48 18.25
C VAL A 263 -31.77 -13.23 17.95
N HIS A 264 -32.51 -12.76 18.95
CA HIS A 264 -33.11 -11.44 18.93
C HIS A 264 -32.07 -10.47 19.47
N CYS A 265 -31.69 -9.47 18.68
CA CYS A 265 -30.69 -8.52 19.14
C CYS A 265 -31.35 -7.33 19.79
N GLU A 266 -32.31 -6.77 19.09
CA GLU A 266 -32.98 -5.56 19.56
C GLU A 266 -34.03 -5.14 18.56
N ASP A 267 -35.24 -4.91 19.06
CA ASP A 267 -36.33 -4.45 18.23
C ASP A 267 -36.58 -5.38 17.05
N ASP A 268 -36.50 -4.87 15.83
CA ASP A 268 -36.81 -5.69 14.65
C ASP A 268 -35.57 -6.39 14.11
N ASP A 269 -34.46 -6.22 14.80
CA ASP A 269 -33.20 -6.80 14.36
C ASP A 269 -32.93 -8.15 14.99
N TYR A 270 -32.72 -9.15 14.13
CA TYR A 270 -32.32 -10.48 14.57
C TYR A 270 -31.08 -10.93 13.80
N TYR A 271 -30.43 -11.99 14.28
CA TYR A 271 -29.27 -12.54 13.59
C TYR A 271 -29.46 -14.03 13.38
N GLY A 272 -29.12 -14.52 12.20
CA GLY A 272 -29.12 -15.95 11.95
C GLY A 272 -27.68 -16.46 12.05
N TYR A 273 -27.27 -17.25 11.06
CA TYR A 273 -25.88 -17.65 10.93
C TYR A 273 -25.14 -16.73 9.95
N GLY A 274 -24.48 -15.70 10.46
CA GLY A 274 -23.66 -14.82 9.63
C GLY A 274 -24.46 -13.85 8.79
N VAL A 275 -25.73 -13.66 9.14
CA VAL A 275 -26.60 -12.78 8.36
C VAL A 275 -27.57 -12.03 9.26
N TRP A 276 -27.80 -10.75 8.97
CA TRP A 276 -28.80 -9.97 9.71
C TRP A 276 -30.21 -10.24 9.22
N ILE A 277 -31.17 -10.22 10.13
CA ILE A 277 -32.57 -10.50 9.80
C ILE A 277 -33.50 -9.40 10.30
N LYS A 278 -34.29 -8.84 9.39
CA LYS A 278 -35.25 -7.82 9.75
C LYS A 278 -36.61 -8.46 9.88
N GLN A 279 -37.11 -8.50 11.11
CA GLN A 279 -38.37 -9.19 11.38
C GLN A 279 -39.31 -8.26 12.14
N GLN A 280 -40.41 -7.91 11.48
CA GLN A 280 -41.38 -6.99 12.06
C GLN A 280 -42.79 -7.51 11.87
N ASP A 281 -43.61 -7.35 12.91
CA ASP A 281 -45.00 -7.79 12.86
C ASP A 281 -45.10 -9.29 12.58
N GLY A 282 -44.17 -10.05 13.14
CA GLY A 282 -44.18 -11.50 13.02
C GLY A 282 -43.84 -12.04 11.65
N ALA A 283 -43.30 -11.18 10.77
CA ALA A 283 -42.85 -11.61 9.45
C ALA A 283 -41.50 -11.00 9.10
N ILE A 284 -40.71 -11.73 8.34
CA ILE A 284 -39.39 -11.27 7.97
C ILE A 284 -39.49 -10.50 6.67
N SER A 285 -38.98 -9.28 6.68
CA SER A 285 -39.03 -8.43 5.50
C SER A 285 -37.73 -8.51 4.70
N LYS A 286 -36.62 -8.82 5.37
CA LYS A 286 -35.34 -8.94 4.66
C LYS A 286 -34.24 -9.68 5.41
N TYR A 287 -33.46 -10.44 4.65
CA TYR A 287 -32.17 -10.93 5.11
C TYR A 287 -31.13 -9.99 4.56
N HIS A 288 -30.23 -9.51 5.40
CA HIS A 288 -29.24 -8.57 4.90
C HIS A 288 -27.87 -8.65 5.56
N VAL A 289 -26.86 -8.14 4.84
CA VAL A 289 -25.51 -8.03 5.39
C VAL A 289 -25.00 -6.61 5.16
N MET A 290 -23.92 -6.25 5.80
CA MET A 290 -23.38 -4.91 5.69
C MET A 290 -21.93 -4.88 6.16
N GLY A 291 -21.18 -3.88 5.73
CA GLY A 291 -19.80 -3.75 6.12
C GLY A 291 -19.34 -2.31 6.11
N TYR A 292 -18.46 -1.98 7.04
CA TYR A 292 -17.91 -0.65 7.13
C TYR A 292 -16.48 -0.81 7.57
N ASP A 293 -15.55 -0.32 6.73
CA ASP A 293 -14.14 -0.26 7.06
C ASP A 293 -13.67 1.12 6.60
N PRO A 294 -12.46 1.52 6.99
CA PRO A 294 -11.92 2.77 6.42
C PRO A 294 -11.92 2.74 4.88
N GLY A 295 -12.65 3.66 4.24
CA GLY A 295 -12.73 3.73 2.80
C GLY A 295 -13.61 2.67 2.16
N VAL A 296 -14.52 2.08 2.94
CA VAL A 296 -15.42 1.02 2.49
C VAL A 296 -16.77 1.10 3.21
N CYS A 297 -17.85 0.98 2.45
CA CYS A 297 -19.14 0.72 3.05
C CYS A 297 -19.94 -0.11 2.08
N PHE A 298 -20.87 -0.89 2.61
CA PHE A 298 -21.51 -1.94 1.84
C PHE A 298 -22.81 -2.36 2.47
N HIS A 299 -23.85 -2.46 1.66
CA HIS A 299 -25.14 -2.95 2.12
C HIS A 299 -25.75 -3.83 1.04
N SER A 300 -26.23 -5.00 1.42
CA SER A 300 -26.88 -5.87 0.44
C SER A 300 -28.00 -6.65 1.12
N ALA A 301 -29.14 -6.79 0.48
CA ALA A 301 -30.26 -7.51 1.09
C ALA A 301 -31.00 -8.38 0.10
N PHE A 302 -31.71 -9.37 0.64
CA PHE A 302 -32.66 -10.16 -0.13
C PHE A 302 -34.04 -10.02 0.52
N TYR A 303 -35.05 -9.76 -0.31
CA TYR A 303 -36.39 -9.48 0.17
C TYR A 303 -37.32 -10.62 -0.20
N PRO A 304 -37.57 -11.52 0.76
CA PRO A 304 -38.28 -12.76 0.47
C PRO A 304 -39.68 -12.48 -0.09
N THR A 305 -40.30 -11.41 0.39
CA THR A 305 -41.67 -11.10 0.01
C THR A 305 -41.78 -10.73 -1.48
N SER A 306 -40.68 -10.29 -2.06
CA SER A 306 -40.69 -9.88 -3.47
C SER A 306 -39.61 -10.57 -4.31
N ASN A 307 -38.79 -11.40 -3.68
CA ASN A 307 -37.63 -11.96 -4.32
C ASN A 307 -36.79 -10.82 -4.87
N GLY A 308 -36.63 -9.78 -4.06
CA GLY A 308 -35.88 -8.62 -4.47
C GLY A 308 -34.44 -8.75 -3.96
N ILE A 309 -33.50 -8.22 -4.75
CA ILE A 309 -32.12 -8.17 -4.31
C ILE A 309 -31.62 -6.74 -4.50
N VAL A 310 -30.93 -6.23 -3.48
CA VAL A 310 -30.26 -4.94 -3.58
C VAL A 310 -28.80 -5.13 -3.21
N VAL A 311 -27.91 -4.46 -3.94
CA VAL A 311 -26.48 -4.48 -3.61
C VAL A 311 -25.98 -3.06 -3.73
N VAL A 312 -25.33 -2.58 -2.68
CA VAL A 312 -24.70 -1.27 -2.73
C VAL A 312 -23.24 -1.36 -2.26
N CYS A 313 -22.30 -1.31 -3.21
CA CYS A 313 -20.86 -1.32 -2.92
C CYS A 313 -20.33 0.08 -3.07
N ALA A 314 -19.43 0.49 -2.19
CA ALA A 314 -18.86 1.84 -2.31
C ALA A 314 -17.42 1.88 -1.85
N ASN A 315 -16.59 2.65 -2.56
CA ASN A 315 -15.21 2.81 -2.14
C ASN A 315 -14.98 4.14 -1.41
N GLN A 316 -15.93 4.49 -0.55
CA GLN A 316 -15.77 5.61 0.37
C GLN A 316 -16.34 5.15 1.70
N SER A 317 -16.12 5.92 2.76
CA SER A 317 -16.44 5.46 4.12
C SER A 317 -17.94 5.37 4.50
N SER A 318 -18.78 6.27 3.99
CA SER A 318 -20.22 6.16 4.31
C SER A 318 -21.15 6.53 3.17
N GLY A 319 -22.44 6.30 3.36
CA GLY A 319 -23.44 6.65 2.37
C GLY A 319 -24.18 5.48 1.78
N ALA A 320 -23.59 4.29 1.88
CA ALA A 320 -24.20 3.09 1.29
C ALA A 320 -25.55 2.81 1.92
N TYR A 321 -25.74 3.22 3.17
CA TYR A 321 -26.98 2.96 3.88
C TYR A 321 -28.13 3.74 3.26
N ASP A 322 -27.90 5.01 3.00
CA ASP A 322 -28.92 5.90 2.46
C ASP A 322 -29.31 5.54 1.02
N VAL A 323 -28.34 5.09 0.23
CA VAL A 323 -28.66 4.62 -1.13
C VAL A 323 -29.51 3.37 -1.02
N MET A 324 -29.11 2.48 -0.11
CA MET A 324 -29.85 1.24 0.11
C MET A 324 -31.28 1.56 0.55
N ALA A 325 -31.43 2.36 1.59
CA ALA A 325 -32.74 2.76 2.04
C ALA A 325 -33.55 3.37 0.87
N ALA A 326 -32.89 4.15 0.01
CA ALA A 326 -33.60 4.77 -1.11
C ALA A 326 -34.03 3.74 -2.16
N ILE A 327 -33.19 2.74 -2.41
CA ILE A 327 -33.55 1.72 -3.38
C ILE A 327 -34.65 0.82 -2.83
N GLU A 328 -34.64 0.55 -1.54
CA GLU A 328 -35.61 -0.38 -1.01
C GLU A 328 -37.01 0.23 -0.90
N ALA A 329 -37.06 1.56 -0.81
CA ALA A 329 -38.33 2.29 -0.86
C ALA A 329 -38.98 2.16 -2.21
N LEU A 330 -38.34 1.44 -3.12
CA LEU A 330 -38.91 1.17 -4.44
C LEU A 330 -39.64 -0.18 -4.46
N PHE A 331 -39.28 -1.07 -3.52
CA PHE A 331 -39.92 -2.38 -3.43
C PHE A 331 -41.29 -2.30 -2.74
N HIS B 6 16.93 6.55 -30.17
CA HIS B 6 17.57 5.25 -30.27
C HIS B 6 17.48 4.49 -28.93
N LEU B 7 16.98 5.19 -27.92
CA LEU B 7 16.71 4.61 -26.59
C LEU B 7 15.70 3.45 -26.58
N HIS B 8 14.72 3.51 -27.48
CA HIS B 8 13.64 2.52 -27.48
C HIS B 8 14.19 1.11 -27.66
N THR B 9 15.11 0.97 -28.61
CA THR B 9 15.71 -0.32 -28.91
C THR B 9 16.51 -0.82 -27.73
N ILE B 10 17.20 0.11 -27.08
CA ILE B 10 18.01 -0.22 -25.90
C ILE B 10 17.12 -0.81 -24.81
N MET B 11 16.03 -0.12 -24.50
CA MET B 11 15.12 -0.55 -23.45
C MET B 11 14.37 -1.84 -23.81
N GLU B 12 14.03 -1.97 -25.08
CA GLU B 12 13.36 -3.17 -25.58
C GLU B 12 14.26 -4.37 -25.44
N ASP B 13 15.55 -4.17 -25.76
CA ASP B 13 16.52 -5.26 -25.71
C ASP B 13 16.81 -5.69 -24.29
N TRP B 14 16.82 -4.72 -23.38
CA TRP B 14 17.06 -5.03 -21.97
C TRP B 14 15.77 -5.24 -21.20
N LYS B 15 14.64 -5.18 -21.91
CA LYS B 15 13.33 -5.38 -21.30
C LYS B 15 13.16 -4.48 -20.08
N LEU B 16 13.35 -3.18 -20.26
CA LEU B 16 13.30 -2.27 -19.12
C LEU B 16 11.99 -1.50 -19.08
N SER B 17 11.24 -1.72 -18.00
CA SER B 17 10.04 -0.92 -17.75
C SER B 17 10.41 0.35 -17.00
N GLY B 18 10.30 1.47 -17.69
CA GLY B 18 10.55 2.76 -17.09
C GLY B 18 10.67 3.82 -18.16
N THR B 19 11.46 4.85 -17.89
CA THR B 19 11.73 5.93 -18.83
C THR B 19 13.22 6.30 -18.83
N ALA B 20 13.85 6.24 -19.99
CA ALA B 20 15.24 6.68 -20.15
C ALA B 20 15.32 8.00 -20.88
N LEU B 21 16.36 8.78 -20.61
CA LEU B 21 16.58 10.06 -21.28
C LEU B 21 18.07 10.27 -21.58
N MET B 22 18.35 10.91 -22.72
CA MET B 22 19.73 11.28 -23.06
C MET B 22 19.76 12.66 -23.70
N LYS B 23 20.64 13.52 -23.21
CA LYS B 23 20.76 14.85 -23.79
C LYS B 23 22.23 15.19 -24.06
N LYS B 24 22.51 15.64 -25.28
CA LYS B 24 23.86 16.00 -25.69
C LYS B 24 24.05 17.51 -25.78
N GLY B 25 24.67 18.08 -24.75
CA GLY B 25 24.97 19.49 -24.73
C GLY B 25 23.75 20.38 -24.83
N GLU B 26 23.51 20.91 -26.03
CA GLU B 26 22.44 21.89 -26.29
C GLU B 26 21.20 21.28 -26.90
N ASP B 27 21.38 20.14 -27.58
CA ASP B 27 20.27 19.46 -28.23
C ASP B 27 19.13 19.15 -27.25
N ILE B 28 17.95 18.91 -27.82
CA ILE B 28 16.81 18.45 -27.04
C ILE B 28 17.03 16.97 -26.78
N PRO B 29 16.53 16.47 -25.65
CA PRO B 29 16.81 15.09 -25.21
C PRO B 29 16.13 14.05 -26.08
N PHE B 30 16.71 12.87 -26.20
CA PHE B 30 15.94 11.70 -26.64
C PHE B 30 15.27 11.13 -25.39
N ILE B 31 13.97 10.95 -25.43
CA ILE B 31 13.25 10.39 -24.30
C ILE B 31 12.45 9.17 -24.72
N ALA B 32 12.53 8.11 -23.94
CA ALA B 32 11.85 6.87 -24.30
C ALA B 32 11.24 6.13 -23.11
N SER B 33 9.97 5.79 -23.22
CA SER B 33 9.30 5.04 -22.17
C SER B 33 8.92 3.63 -22.64
N LEU B 34 8.97 2.68 -21.72
CA LEU B 34 8.55 1.31 -22.00
C LEU B 34 7.88 0.68 -20.78
N GLY B 35 7.14 -0.42 -20.99
CA GLY B 35 6.51 -1.14 -19.90
C GLY B 35 5.36 -0.37 -19.27
N PHE B 36 4.82 -0.91 -18.18
CA PHE B 36 3.69 -0.28 -17.50
C PHE B 36 4.03 0.39 -16.17
N ALA B 37 3.60 1.64 -16.06
CA ALA B 37 3.54 2.34 -14.77
C ALA B 37 2.60 1.59 -13.82
N ASN B 38 1.45 1.16 -14.34
CA ASN B 38 0.52 0.32 -13.58
C ASN B 38 0.14 -0.88 -14.41
N ARG B 39 0.67 -2.04 -14.05
CA ARG B 39 0.37 -3.26 -14.81
C ARG B 39 -1.12 -3.59 -14.81
N ALA B 40 -1.69 -3.81 -13.62
CA ALA B 40 -3.11 -4.10 -13.51
C ALA B 40 -3.97 -3.20 -14.41
N GLU B 41 -3.88 -1.89 -14.19
CA GLU B 41 -4.68 -0.93 -14.95
C GLU B 41 -4.15 -0.64 -16.35
N ARG B 42 -3.09 -1.34 -16.74
CA ARG B 42 -2.56 -1.20 -18.08
C ARG B 42 -2.26 0.26 -18.42
N ILE B 43 -1.78 1.02 -17.43
CA ILE B 43 -1.33 2.38 -17.70
C ILE B 43 0.15 2.32 -18.07
N PRO B 44 0.46 2.61 -19.34
CA PRO B 44 1.84 2.50 -19.82
C PRO B 44 2.72 3.53 -19.14
N ASN B 45 3.99 3.21 -18.94
CA ASN B 45 4.97 4.22 -18.58
C ASN B 45 5.06 5.22 -19.72
N GLU B 46 5.02 6.51 -19.39
CA GLU B 46 5.20 7.55 -20.39
C GLU B 46 6.30 8.54 -19.99
N HIS B 47 6.53 9.58 -20.78
CA HIS B 47 7.61 10.52 -20.50
C HIS B 47 7.38 11.28 -19.19
N HIS B 48 6.12 11.50 -18.83
CA HIS B 48 5.84 12.35 -17.67
C HIS B 48 5.51 11.55 -16.41
N THR B 49 5.66 10.23 -16.51
CA THR B 49 5.47 9.34 -15.37
C THR B 49 6.52 9.61 -14.30
N ARG B 50 6.09 9.77 -13.06
CA ARG B 50 7.02 9.90 -11.94
C ARG B 50 7.51 8.55 -11.42
N PHE B 51 8.80 8.46 -11.15
CA PHE B 51 9.43 7.25 -10.65
C PHE B 51 10.14 7.51 -9.33
N GLY B 52 10.05 6.56 -8.40
CA GLY B 52 10.86 6.61 -7.20
C GLY B 52 12.30 6.35 -7.60
N ILE B 53 13.25 6.99 -6.92
CA ILE B 53 14.66 6.88 -7.30
C ILE B 53 15.61 6.36 -6.21
N ALA B 54 15.03 5.89 -5.11
CA ALA B 54 15.84 5.33 -4.03
C ALA B 54 16.96 6.29 -3.64
N SER B 55 18.18 5.76 -3.49
CA SER B 55 19.36 6.56 -3.12
C SER B 55 19.76 7.67 -4.11
N GLY B 56 19.15 7.71 -5.29
CA GLY B 56 19.46 8.76 -6.23
C GLY B 56 19.37 10.15 -5.61
N CYS B 57 18.46 10.31 -4.65
CA CYS B 57 18.14 11.64 -4.11
C CYS B 57 18.99 12.05 -2.90
N LYS B 58 19.98 11.22 -2.55
CA LYS B 58 20.99 11.63 -1.58
C LYS B 58 21.68 12.89 -2.08
N LEU B 59 21.75 13.05 -3.41
CA LEU B 59 22.30 14.24 -4.03
C LEU B 59 21.53 15.52 -3.64
N PHE B 60 20.21 15.42 -3.58
CA PHE B 60 19.37 16.57 -3.21
C PHE B 60 19.64 16.93 -1.76
N THR B 61 19.91 15.92 -0.94
CA THR B 61 20.25 16.16 0.46
C THR B 61 21.56 16.92 0.55
N ALA B 62 22.54 16.51 -0.25
CA ALA B 62 23.84 17.18 -0.25
C ALA B 62 23.72 18.60 -0.77
N ILE B 63 22.94 18.78 -1.82
CA ILE B 63 22.71 20.11 -2.38
C ILE B 63 22.11 21.01 -1.31
N ALA B 64 21.11 20.50 -0.60
CA ALA B 64 20.44 21.29 0.44
C ALA B 64 21.41 21.68 1.54
N ILE B 65 22.24 20.73 1.96
CA ILE B 65 23.20 20.97 3.03
C ILE B 65 24.24 22.01 2.62
N CYS B 66 24.64 21.96 1.36
CA CYS B 66 25.58 22.93 0.82
C CYS B 66 24.96 24.32 0.77
N GLN B 67 23.66 24.41 0.45
CA GLN B 67 22.99 25.69 0.40
C GLN B 67 22.97 26.38 1.76
N LEU B 68 22.84 25.59 2.81
CA LEU B 68 22.87 26.12 4.16
C LEU B 68 24.27 26.63 4.48
N VAL B 69 25.27 25.91 4.00
CA VAL B 69 26.65 26.36 4.18
C VAL B 69 26.89 27.65 3.39
N GLU B 70 26.51 27.65 2.12
CA GLU B 70 26.67 28.83 1.27
C GLU B 70 25.91 30.03 1.82
N ALA B 71 24.83 29.78 2.55
CA ALA B 71 24.02 30.85 3.11
C ALA B 71 24.57 31.30 4.46
N GLY B 72 25.63 30.64 4.90
CA GLY B 72 26.29 31.01 6.14
C GLY B 72 25.50 30.62 7.38
N LYS B 73 24.63 29.64 7.26
CA LYS B 73 23.88 29.13 8.40
C LYS B 73 24.53 27.88 8.96
N LEU B 74 25.60 27.42 8.31
CA LEU B 74 26.20 26.14 8.62
C LEU B 74 27.54 25.99 7.89
N SER B 75 28.41 25.13 8.40
CA SER B 75 29.70 24.86 7.76
C SER B 75 30.02 23.36 7.73
N PHE B 76 30.92 22.95 6.83
CA PHE B 76 31.22 21.53 6.66
C PHE B 76 32.03 20.96 7.83
N ASP B 77 32.52 21.85 8.69
CA ASP B 77 33.29 21.44 9.87
C ASP B 77 32.43 21.38 11.12
N THR B 78 31.22 21.94 11.00
CA THR B 78 30.28 21.96 12.10
C THR B 78 30.08 20.55 12.63
N PRO B 79 30.19 20.38 13.97
CA PRO B 79 29.96 19.08 14.60
C PRO B 79 28.47 18.76 14.63
N LEU B 80 28.14 17.48 14.53
CA LEU B 80 26.76 17.04 14.53
C LEU B 80 26.07 17.35 15.87
N SER B 81 26.87 17.39 16.93
CA SER B 81 26.37 17.73 18.26
C SER B 81 25.78 19.14 18.28
N ASP B 82 26.32 20.02 17.44
CA ASP B 82 25.85 21.40 17.37
C ASP B 82 24.35 21.52 17.08
N TRP B 83 23.82 20.60 16.28
CA TRP B 83 22.46 20.75 15.77
C TRP B 83 21.49 19.63 16.16
N LEU B 84 22.01 18.45 16.49
CA LEU B 84 21.17 17.33 16.89
C LEU B 84 21.46 16.89 18.33
N ASP B 85 20.43 16.41 19.02
CA ASP B 85 20.58 15.92 20.38
C ASP B 85 21.29 14.57 20.38
N ALA B 86 20.78 13.63 19.60
CA ALA B 86 21.38 12.31 19.51
C ALA B 86 22.88 12.46 19.24
N PRO B 87 23.71 12.05 20.21
CA PRO B 87 25.16 12.22 20.15
C PRO B 87 25.83 11.21 19.23
N PHE B 88 26.72 11.70 18.38
CA PHE B 88 27.63 10.85 17.63
C PHE B 88 29.00 11.53 17.68
N PRO B 89 29.75 11.27 18.74
CA PRO B 89 31.03 11.89 19.12
C PRO B 89 31.95 12.20 17.94
N ASN B 90 32.28 13.48 17.79
CA ASN B 90 33.25 13.94 16.82
C ASN B 90 32.78 13.89 15.37
N VAL B 91 31.53 13.47 15.16
CA VAL B 91 30.99 13.43 13.82
C VAL B 91 30.67 14.85 13.31
N THR B 92 31.04 15.10 12.07
CA THR B 92 30.89 16.41 11.46
C THR B 92 30.05 16.26 10.20
N ILE B 93 29.49 17.37 9.74
CA ILE B 93 28.70 17.40 8.52
C ILE B 93 29.45 16.72 7.39
N HIS B 94 30.71 17.12 7.20
CA HIS B 94 31.54 16.60 6.13
C HIS B 94 31.73 15.08 6.20
N HIS B 95 31.80 14.53 7.41
CA HIS B 95 31.88 13.08 7.55
C HIS B 95 30.64 12.40 6.99
N LEU B 96 29.48 12.96 7.30
CA LEU B 96 28.21 12.42 6.85
C LEU B 96 28.08 12.50 5.32
N LEU B 97 28.49 13.64 4.76
CA LEU B 97 28.37 13.91 3.33
C LEU B 97 29.20 12.97 2.46
N THR B 98 30.28 12.44 3.03
CA THR B 98 31.20 11.60 2.28
C THR B 98 31.19 10.15 2.77
N HIS B 99 30.31 9.84 3.71
CA HIS B 99 30.18 8.48 4.23
C HIS B 99 31.43 8.05 4.96
N THR B 100 32.00 8.95 5.76
CA THR B 100 33.18 8.62 6.54
C THR B 100 32.95 8.88 8.03
N SER B 101 31.67 9.00 8.41
CA SER B 101 31.29 9.39 9.77
C SER B 101 31.46 8.30 10.81
N GLY B 102 31.39 7.04 10.38
CA GLY B 102 31.46 5.91 11.28
C GLY B 102 30.19 5.60 12.07
N VAL B 103 29.14 6.41 11.91
CA VAL B 103 27.88 6.16 12.62
C VAL B 103 27.32 4.78 12.30
N PRO B 104 26.52 4.22 13.23
CA PRO B 104 25.83 2.96 12.92
C PRO B 104 24.73 3.22 11.90
N ASP B 105 24.43 2.23 11.08
CA ASP B 105 23.42 2.36 10.03
C ASP B 105 22.21 1.53 10.44
N TYR B 106 21.04 1.85 9.91
CA TYR B 106 19.89 0.97 10.12
C TYR B 106 19.80 -0.06 9.00
N PHE B 107 20.60 0.16 7.95
CA PHE B 107 20.62 -0.71 6.78
C PHE B 107 22.00 -0.66 6.14
N ASP B 108 22.89 -1.52 6.62
CA ASP B 108 24.26 -1.58 6.10
C ASP B 108 24.29 -2.41 4.83
N GLU B 109 24.37 -1.73 3.70
CA GLU B 109 24.25 -2.36 2.39
C GLU B 109 25.44 -3.25 2.05
N GLU B 110 26.49 -3.16 2.85
CA GLU B 110 27.68 -3.99 2.68
C GLU B 110 27.46 -5.41 3.20
N ILE B 111 26.47 -5.58 4.06
CA ILE B 111 26.21 -6.87 4.70
C ILE B 111 24.77 -7.34 4.54
N THR B 112 23.86 -6.40 4.31
CA THR B 112 22.45 -6.77 4.16
C THR B 112 21.83 -6.17 2.90
N ASP B 113 21.00 -6.97 2.24
CA ASP B 113 20.26 -6.54 1.05
C ASP B 113 18.77 -6.80 1.23
N ASP B 114 18.38 -7.12 2.46
CA ASP B 114 17.00 -7.51 2.77
C ASP B 114 16.19 -6.32 3.30
N PHE B 115 16.10 -5.28 2.47
CA PHE B 115 15.42 -4.04 2.83
C PHE B 115 14.02 -4.31 3.41
N GLU B 116 13.23 -5.12 2.72
CA GLU B 116 11.88 -5.39 3.20
C GLU B 116 11.87 -5.89 4.65
N ASP B 117 12.82 -6.75 4.99
CA ASP B 117 12.83 -7.37 6.33
C ASP B 117 12.98 -6.38 7.49
N LEU B 118 13.36 -5.15 7.17
CA LEU B 118 13.49 -4.10 8.16
C LEU B 118 12.13 -3.71 8.74
N TRP B 119 11.09 -3.89 7.93
CA TRP B 119 9.76 -3.43 8.28
C TRP B 119 8.88 -4.56 8.76
N LYS B 120 9.51 -5.69 9.07
CA LYS B 120 8.77 -6.86 9.54
C LYS B 120 8.08 -6.60 10.87
N ASP B 121 8.74 -5.83 11.75
CA ASP B 121 8.24 -5.56 13.09
C ASP B 121 7.93 -4.08 13.27
N VAL B 122 8.60 -3.24 12.49
CA VAL B 122 8.35 -1.81 12.47
C VAL B 122 7.48 -1.45 11.27
N PRO B 123 6.29 -0.90 11.50
CA PRO B 123 5.40 -0.55 10.39
C PRO B 123 6.01 0.55 9.52
N MET B 124 6.23 0.27 8.24
CA MET B 124 6.87 1.26 7.38
C MET B 124 5.98 2.49 7.17
N TYR B 125 4.67 2.32 7.37
CA TYR B 125 3.74 3.43 7.28
C TYR B 125 3.72 4.31 8.55
N HIS B 126 4.60 4.03 9.48
CA HIS B 126 4.81 5.01 10.54
C HIS B 126 6.18 5.71 10.43
N LEU B 127 6.88 5.47 9.33
CA LEU B 127 8.10 6.20 9.01
C LEU B 127 7.76 7.42 8.16
N ARG B 128 7.20 8.44 8.80
CA ARG B 128 6.71 9.60 8.06
C ARG B 128 7.56 10.85 8.23
N ARG B 129 8.31 10.89 9.32
CA ARG B 129 9.25 11.99 9.56
C ARG B 129 10.63 11.38 9.71
N LEU B 130 11.65 12.17 9.42
CA LEU B 130 13.01 11.68 9.50
C LEU B 130 13.36 11.20 10.90
N LYS B 131 12.81 11.87 11.91
CA LYS B 131 13.09 11.46 13.29
C LYS B 131 12.62 10.05 13.58
N ASP B 132 11.68 9.56 12.79
CA ASP B 132 11.14 8.22 13.02
C ASP B 132 12.21 7.15 12.77
N PHE B 133 13.26 7.51 12.05
CA PHE B 133 14.35 6.58 11.78
C PHE B 133 15.34 6.49 12.94
N LEU B 134 15.39 7.53 13.77
CA LEU B 134 16.40 7.62 14.83
C LEU B 134 16.50 6.37 15.73
N PRO B 135 15.37 5.89 16.26
CA PRO B 135 15.41 4.73 17.14
C PRO B 135 16.05 3.52 16.48
N LEU B 136 16.01 3.47 15.15
CA LEU B 136 16.50 2.31 14.39
C LEU B 136 18.02 2.16 14.40
N PHE B 137 18.73 3.18 14.89
CA PHE B 137 20.19 3.12 14.86
C PHE B 137 20.90 3.97 15.91
N GLN B 138 20.19 4.96 16.47
CA GLN B 138 20.82 5.97 17.31
C GLN B 138 21.50 5.40 18.55
N HIS B 139 21.04 4.24 19.00
CA HIS B 139 21.59 3.62 20.22
C HIS B 139 22.67 2.59 19.94
N ALA B 140 22.94 2.36 18.66
CA ALA B 140 23.95 1.38 18.29
C ALA B 140 25.35 2.02 18.34
N PRO B 141 26.37 1.19 18.56
CA PRO B 141 27.76 1.65 18.67
C PRO B 141 28.34 2.16 17.36
N MET B 142 29.15 3.21 17.44
CA MET B 142 29.83 3.71 16.25
C MET B 142 30.64 2.57 15.65
N LYS B 143 30.80 2.57 14.34
CA LYS B 143 31.48 1.48 13.66
C LYS B 143 32.97 1.75 13.60
N PHE B 144 33.34 3.02 13.64
CA PHE B 144 34.74 3.42 13.61
C PHE B 144 34.88 4.92 13.88
N PRO B 145 36.12 5.36 14.14
CA PRO B 145 36.45 6.78 14.33
C PRO B 145 35.98 7.63 13.16
N PRO B 146 35.26 8.73 13.44
CA PRO B 146 34.86 9.66 12.39
C PRO B 146 36.05 10.05 11.52
N GLY B 147 36.00 9.68 10.25
CA GLY B 147 37.04 10.03 9.30
C GLY B 147 37.92 8.86 8.92
N HIS B 148 37.82 7.78 9.68
CA HIS B 148 38.74 6.64 9.49
C HIS B 148 38.68 6.04 8.08
N ARG B 149 37.49 5.64 7.63
CA ARG B 149 37.39 5.02 6.30
C ARG B 149 36.07 5.31 5.60
N PHE B 150 36.00 4.94 4.32
CA PHE B 150 34.76 5.08 3.56
C PHE B 150 33.82 3.89 3.76
N HIS B 151 32.59 4.19 4.14
CA HIS B 151 31.59 3.15 4.32
C HIS B 151 30.18 3.68 4.03
N TYR B 152 29.62 3.25 2.89
CA TYR B 152 28.29 3.75 2.49
C TYR B 152 27.26 3.56 3.60
N ASN B 153 26.63 4.66 3.97
CA ASN B 153 25.80 4.70 5.17
C ASN B 153 24.51 5.51 4.96
N ASN B 154 23.37 4.84 5.13
CA ASN B 154 22.08 5.47 4.92
C ASN B 154 21.63 6.35 6.09
N ALA B 155 21.82 5.83 7.30
CA ALA B 155 21.49 6.59 8.50
C ALA B 155 22.24 7.93 8.49
N GLY B 156 23.45 7.92 7.95
CA GLY B 156 24.23 9.14 7.85
C GLY B 156 23.53 10.22 7.05
N PHE B 157 22.73 9.83 6.07
CA PHE B 157 21.99 10.82 5.30
C PHE B 157 20.66 11.17 5.93
N ILE B 158 20.14 10.28 6.79
CA ILE B 158 19.03 10.65 7.66
C ILE B 158 19.48 11.77 8.58
N LEU B 159 20.63 11.58 9.23
CA LEU B 159 21.19 12.59 10.14
C LEU B 159 21.35 13.95 9.45
N LEU B 160 21.85 13.94 8.22
CA LEU B 160 21.94 15.17 7.44
C LEU B 160 20.55 15.81 7.24
N GLY B 161 19.55 14.98 6.98
CA GLY B 161 18.19 15.48 6.82
C GLY B 161 17.70 16.18 8.07
N LEU B 162 18.00 15.57 9.22
CA LEU B 162 17.65 16.16 10.51
C LEU B 162 18.37 17.48 10.74
N VAL B 163 19.58 17.62 10.20
CA VAL B 163 20.29 18.87 10.29
C VAL B 163 19.61 19.94 9.44
N VAL B 164 19.23 19.57 8.22
CA VAL B 164 18.53 20.50 7.34
C VAL B 164 17.27 21.03 8.00
N GLU B 165 16.55 20.15 8.69
CA GLU B 165 15.32 20.53 9.36
C GLU B 165 15.60 21.44 10.54
N SER B 166 16.60 21.05 11.32
CA SER B 166 16.96 21.76 12.54
C SER B 166 17.48 23.16 12.24
N VAL B 167 18.20 23.29 11.12
CA VAL B 167 18.76 24.57 10.71
C VAL B 167 17.73 25.44 10.00
N SER B 168 16.87 24.81 9.20
CA SER B 168 15.90 25.55 8.40
C SER B 168 14.60 25.80 9.16
N GLY B 169 14.17 24.84 9.97
CA GLY B 169 12.94 25.00 10.71
C GLY B 169 11.73 24.45 9.98
N VAL B 170 11.92 24.10 8.71
CA VAL B 170 10.87 23.42 7.94
C VAL B 170 11.19 21.93 7.85
N THR B 171 10.31 21.14 7.25
CA THR B 171 10.58 19.71 7.11
C THR B 171 11.59 19.52 5.99
N PHE B 172 12.29 18.38 6.01
CA PHE B 172 13.24 18.08 4.96
C PHE B 172 12.62 18.19 3.58
N GLN B 173 11.50 17.52 3.40
CA GLN B 173 10.75 17.51 2.14
C GLN B 173 10.35 18.92 1.69
N GLU B 174 9.88 19.72 2.63
CA GLU B 174 9.53 21.10 2.35
C GLU B 174 10.74 21.88 1.85
N TYR B 175 11.88 21.69 2.52
CA TYR B 175 13.09 22.40 2.11
C TYR B 175 13.46 22.06 0.67
N VAL B 176 13.51 20.77 0.35
CA VAL B 176 13.99 20.34 -0.95
C VAL B 176 13.07 20.75 -2.09
N GLU B 177 11.78 20.53 -1.90
CA GLU B 177 10.78 20.88 -2.91
C GLU B 177 10.81 22.39 -3.21
N ALA B 178 11.14 23.17 -2.19
CA ALA B 178 11.20 24.63 -2.32
C ALA B 178 12.55 25.13 -2.83
N ASN B 179 13.63 24.68 -2.20
CA ASN B 179 14.97 25.18 -2.50
C ASN B 179 15.73 24.39 -3.56
N VAL B 180 15.20 23.25 -3.97
CA VAL B 180 15.88 22.45 -4.97
C VAL B 180 15.01 22.15 -6.18
N PHE B 181 13.86 21.52 -5.98
CA PHE B 181 12.98 21.24 -7.12
C PHE B 181 12.49 22.53 -7.78
N GLN B 182 12.13 23.52 -6.97
CA GLN B 182 11.50 24.73 -7.48
C GLN B 182 12.57 25.60 -8.10
N ARG B 183 13.67 25.73 -7.36
CA ARG B 183 14.82 26.54 -7.77
C ARG B 183 15.52 25.95 -9.00
N ALA B 184 15.08 24.78 -9.46
CA ALA B 184 15.66 24.17 -10.65
C ALA B 184 14.63 23.81 -11.72
N GLY B 185 13.39 24.26 -11.52
CA GLY B 185 12.34 24.09 -12.51
C GLY B 185 11.70 22.73 -12.56
N MET B 186 11.86 21.94 -11.49
CA MET B 186 11.32 20.59 -11.42
C MET B 186 9.91 20.56 -10.82
N HIS B 187 8.90 20.88 -11.62
CA HIS B 187 7.52 21.00 -11.12
C HIS B 187 6.76 19.68 -11.08
N GLU B 188 7.37 18.61 -11.57
CA GLU B 188 6.74 17.30 -11.55
C GLU B 188 7.39 16.33 -10.57
N SER B 189 8.06 16.85 -9.56
CA SER B 189 8.82 16.03 -8.62
C SER B 189 8.40 16.29 -7.20
N GLY B 190 8.60 15.30 -6.33
CA GLY B 190 8.21 15.42 -4.94
C GLY B 190 8.44 14.18 -4.10
N TYR B 191 8.26 14.35 -2.79
CA TYR B 191 8.35 13.25 -1.86
C TYR B 191 6.94 12.74 -1.63
N PHE B 192 6.47 11.91 -2.55
CA PHE B 192 5.11 11.40 -2.51
C PHE B 192 5.03 10.23 -1.53
N ALA B 193 3.87 10.09 -0.90
CA ALA B 193 3.63 8.98 0.01
C ALA B 193 2.73 7.98 -0.70
N PHE B 194 2.91 6.70 -0.38
CA PHE B 194 2.20 5.63 -1.07
C PHE B 194 0.69 5.77 -0.95
N ASP B 195 0.22 6.30 0.17
CA ASP B 195 -1.22 6.31 0.46
C ASP B 195 -1.86 7.59 -0.08
N THR B 196 -1.03 8.44 -0.69
CA THR B 196 -1.51 9.64 -1.35
C THR B 196 -0.82 9.85 -2.69
N LEU B 197 -0.53 8.76 -3.38
CA LEU B 197 0.15 8.85 -4.68
C LEU B 197 -0.65 9.69 -5.68
N PRO B 198 0.00 10.69 -6.29
CA PRO B 198 -0.71 11.54 -7.25
C PRO B 198 -0.74 10.87 -8.62
N ALA B 199 -1.41 11.48 -9.57
CA ALA B 199 -1.52 10.94 -10.93
C ALA B 199 -0.15 10.84 -11.57
N LYS B 200 -0.05 10.00 -12.61
CA LYS B 200 1.17 9.92 -13.40
C LYS B 200 2.37 9.57 -12.52
N THR B 201 2.17 8.53 -11.72
CA THR B 201 3.19 8.00 -10.83
C THR B 201 3.22 6.50 -11.02
N ALA B 202 4.40 5.94 -11.20
CA ALA B 202 4.51 4.51 -11.44
C ALA B 202 4.54 3.77 -10.10
N LEU B 203 3.91 2.59 -10.08
CA LEU B 203 4.01 1.68 -8.96
C LEU B 203 5.29 0.85 -9.13
N GLY B 204 5.88 0.44 -8.02
CA GLY B 204 7.12 -0.30 -8.04
C GLY B 204 6.86 -1.79 -7.93
N TYR B 205 7.32 -2.55 -8.93
CA TYR B 205 7.00 -3.96 -8.97
C TYR B 205 8.18 -4.84 -8.54
N ILE B 206 7.85 -5.79 -7.67
CA ILE B 206 8.80 -6.76 -7.15
C ILE B 206 8.47 -8.12 -7.74
N ASP B 207 9.46 -8.75 -8.36
CA ASP B 207 9.27 -10.08 -8.92
C ASP B 207 9.87 -11.12 -7.99
N LEU B 208 9.09 -12.15 -7.68
CA LEU B 208 9.41 -13.01 -6.55
C LEU B 208 9.93 -14.38 -6.93
N GLU B 209 10.70 -14.98 -6.02
CA GLU B 209 11.22 -16.33 -6.18
C GLU B 209 10.14 -17.35 -6.56
N ASP B 210 8.88 -17.03 -6.31
CA ASP B 210 7.81 -17.97 -6.61
C ASP B 210 7.12 -17.75 -7.97
N GLY B 211 7.61 -16.79 -8.75
CA GLY B 211 7.03 -16.55 -10.07
C GLY B 211 6.06 -15.40 -10.15
N SER B 212 5.48 -15.02 -9.00
CA SER B 212 4.48 -13.95 -8.96
C SER B 212 5.08 -12.57 -8.74
N TRP B 213 4.28 -11.53 -8.96
CA TRP B 213 4.68 -10.18 -8.58
C TRP B 213 3.88 -9.55 -7.45
N LYS B 214 4.43 -8.48 -6.89
CA LYS B 214 3.71 -7.66 -5.92
C LYS B 214 4.25 -6.26 -6.02
N THR B 215 3.50 -5.28 -5.53
CA THR B 215 4.00 -3.91 -5.51
C THR B 215 4.77 -3.64 -4.22
N ASN B 216 5.55 -2.56 -4.20
CA ASN B 216 6.49 -2.33 -3.11
C ASN B 216 5.94 -1.49 -1.96
N LEU B 217 4.62 -1.39 -1.89
CA LEU B 217 3.92 -0.54 -0.92
C LEU B 217 4.30 -0.80 0.52
N TYR B 218 4.63 -2.05 0.84
CA TYR B 218 4.98 -2.40 2.20
C TYR B 218 6.45 -2.75 2.35
N SER B 219 7.25 -2.36 1.35
CA SER B 219 8.67 -2.71 1.30
C SER B 219 9.60 -1.51 1.51
N LEU B 220 9.06 -0.30 1.43
CA LEU B 220 9.85 0.92 1.61
C LEU B 220 9.20 1.79 2.69
N PRO B 221 9.98 2.74 3.26
CA PRO B 221 9.32 3.75 4.11
C PRO B 221 8.19 4.39 3.32
N VAL B 222 7.10 4.73 4.00
CA VAL B 222 5.88 5.12 3.32
C VAL B 222 6.12 6.35 2.45
N ILE B 223 7.11 7.17 2.83
CA ILE B 223 7.42 8.36 2.07
C ILE B 223 8.94 8.47 1.99
N GLY B 224 9.43 9.08 0.92
CA GLY B 224 10.86 9.23 0.72
C GLY B 224 11.45 10.22 1.70
N GLY B 225 12.77 10.21 1.83
CA GLY B 225 13.44 11.06 2.78
C GLY B 225 14.84 11.45 2.34
N SER B 226 15.65 11.87 3.30
CA SER B 226 16.97 12.41 3.01
C SER B 226 17.97 11.35 2.54
N ASP B 227 17.63 10.07 2.72
CA ASP B 227 18.50 9.01 2.26
C ASP B 227 17.99 8.29 1.00
N GLY B 228 16.73 8.49 0.66
CA GLY B 228 16.20 7.93 -0.57
C GLY B 228 14.70 8.04 -0.72
N GLY B 229 14.21 7.66 -1.90
CA GLY B 229 12.79 7.47 -2.09
C GLY B 229 12.02 8.62 -2.72
N ALA B 230 12.70 9.68 -3.15
CA ALA B 230 12.00 10.78 -3.83
C ALA B 230 11.55 10.37 -5.22
N TYR B 231 10.61 11.12 -5.78
CA TYR B 231 10.06 10.85 -7.12
C TYR B 231 10.43 11.97 -8.07
N VAL B 232 10.77 11.61 -9.31
CA VAL B 232 10.97 12.59 -10.36
C VAL B 232 10.55 11.98 -11.67
N THR B 233 10.42 12.82 -12.70
CA THR B 233 10.34 12.36 -14.08
C THR B 233 11.75 12.45 -14.65
N ALA B 234 12.02 11.70 -15.73
CA ALA B 234 13.34 11.71 -16.35
C ALA B 234 13.81 13.12 -16.65
N GLU B 235 12.93 13.93 -17.20
CA GLU B 235 13.28 15.29 -17.61
C GLU B 235 13.46 16.25 -16.43
N ASP B 236 12.70 16.07 -15.36
CA ASP B 236 13.01 16.80 -14.14
C ASP B 236 14.41 16.40 -13.59
N MET B 237 14.85 15.17 -13.82
CA MET B 237 16.20 14.80 -13.37
C MET B 237 17.21 15.49 -14.29
N MET B 238 16.90 15.52 -15.58
CA MET B 238 17.71 16.27 -16.52
C MET B 238 17.81 17.73 -16.07
N LYS B 239 16.68 18.34 -15.74
CA LYS B 239 16.69 19.72 -15.29
C LYS B 239 17.50 19.91 -14.01
N LEU B 240 17.57 18.86 -13.19
CA LEU B 240 18.30 18.98 -11.94
C LEU B 240 19.82 19.07 -12.18
N TRP B 241 20.32 18.26 -13.09
CA TRP B 241 21.74 18.31 -13.47
C TRP B 241 22.07 19.67 -14.10
N LEU B 242 21.22 20.10 -15.04
CA LEU B 242 21.39 21.38 -15.70
C LEU B 242 21.50 22.53 -14.69
N ALA B 243 20.51 22.65 -13.82
CA ALA B 243 20.54 23.69 -12.78
C ALA B 243 21.78 23.60 -11.90
N LEU B 244 22.21 22.39 -11.57
CA LEU B 244 23.40 22.21 -10.74
C LEU B 244 24.65 22.73 -11.47
N MET B 245 24.86 22.25 -12.69
CA MET B 245 26.06 22.59 -13.46
C MET B 245 26.08 24.04 -13.93
N ARG B 246 24.93 24.71 -13.91
CA ARG B 246 24.87 26.11 -14.31
C ARG B 246 24.90 27.03 -13.12
N HIS B 247 25.19 26.47 -11.94
CA HIS B 247 25.35 27.23 -10.72
C HIS B 247 24.05 27.92 -10.31
N GLU B 248 22.92 27.32 -10.68
CA GLU B 248 21.60 27.86 -10.38
C GLU B 248 21.09 27.38 -9.01
N LEU B 249 21.78 26.42 -8.43
CA LEU B 249 21.40 25.87 -7.13
C LEU B 249 22.39 26.30 -6.06
N LEU B 250 23.65 26.39 -6.46
CA LEU B 250 24.72 26.84 -5.59
C LEU B 250 25.64 27.73 -6.42
N ASN B 251 26.42 28.58 -5.77
CA ASN B 251 27.38 29.37 -6.52
C ASN B 251 28.53 28.47 -6.99
N GLU B 252 29.43 29.00 -7.80
CA GLU B 252 30.50 28.20 -8.39
C GLU B 252 31.39 27.48 -7.36
N THR B 253 31.83 28.21 -6.34
CA THR B 253 32.65 27.63 -5.28
C THR B 253 31.98 26.43 -4.60
N TYR B 254 30.71 26.58 -4.21
CA TYR B 254 30.03 25.51 -3.49
C TYR B 254 29.61 24.36 -4.38
N THR B 255 29.19 24.66 -5.59
CA THR B 255 28.94 23.62 -6.58
C THR B 255 30.18 22.74 -6.76
N GLN B 256 31.33 23.40 -6.92
CA GLN B 256 32.60 22.72 -7.15
C GLN B 256 33.05 21.93 -5.93
N LYS B 257 32.79 22.47 -4.74
CA LYS B 257 33.10 21.74 -3.51
C LYS B 257 32.29 20.45 -3.41
N LEU B 258 31.04 20.49 -3.86
CA LEU B 258 30.15 19.33 -3.81
C LEU B 258 30.65 18.29 -4.80
N LEU B 259 31.22 18.75 -5.92
CA LEU B 259 31.68 17.85 -6.98
C LEU B 259 33.14 17.44 -6.82
N THR B 260 33.73 17.74 -5.67
CA THR B 260 35.14 17.40 -5.43
C THR B 260 35.29 15.97 -4.96
N PRO B 261 36.20 15.21 -5.57
CA PRO B 261 36.45 13.84 -5.13
C PRO B 261 37.14 13.84 -3.79
N HIS B 262 36.35 13.95 -2.72
CA HIS B 262 36.87 13.99 -1.35
C HIS B 262 37.35 12.62 -0.90
N VAL B 263 36.67 11.58 -1.35
CA VAL B 263 37.01 10.22 -0.93
C VAL B 263 37.33 9.40 -2.17
N HIS B 264 38.33 8.54 -2.06
CA HIS B 264 38.57 7.54 -3.07
C HIS B 264 38.06 6.22 -2.51
N CYS B 265 37.11 5.59 -3.22
CA CYS B 265 36.52 4.34 -2.73
C CYS B 265 37.27 3.11 -3.23
N GLU B 266 37.44 3.02 -4.54
CA GLU B 266 38.22 1.96 -5.15
C GLU B 266 38.38 2.22 -6.63
N ASP B 267 39.58 1.94 -7.14
CA ASP B 267 39.82 2.06 -8.57
C ASP B 267 39.45 3.45 -9.09
N ASP B 268 38.42 3.50 -9.94
CA ASP B 268 38.02 4.73 -10.62
C ASP B 268 36.92 5.47 -9.87
N ASP B 269 36.43 4.86 -8.80
CA ASP B 269 35.34 5.44 -8.05
C ASP B 269 35.78 6.32 -6.90
N TYR B 270 35.28 7.56 -6.91
CA TYR B 270 35.45 8.50 -5.83
C TYR B 270 34.07 8.98 -5.41
N TYR B 271 33.97 9.60 -4.24
CA TYR B 271 32.70 10.17 -3.79
C TYR B 271 32.92 11.64 -3.47
N GLY B 272 31.95 12.47 -3.83
CA GLY B 272 32.01 13.88 -3.51
C GLY B 272 31.15 14.15 -2.29
N TYR B 273 30.33 15.19 -2.36
CA TYR B 273 29.28 15.40 -1.39
C TYR B 273 27.96 14.85 -1.95
N GLY B 274 27.62 13.63 -1.59
CA GLY B 274 26.34 13.05 -1.98
C GLY B 274 26.25 12.69 -3.45
N VAL B 275 27.41 12.53 -4.09
CA VAL B 275 27.43 12.19 -5.51
C VAL B 275 28.63 11.26 -5.77
N TRP B 276 28.51 10.38 -6.75
CA TRP B 276 29.63 9.52 -7.17
C TRP B 276 30.43 10.18 -8.28
N ILE B 277 31.73 9.92 -8.30
CA ILE B 277 32.61 10.49 -9.33
C ILE B 277 33.43 9.41 -10.02
N LYS B 278 33.42 9.44 -11.34
CA LYS B 278 34.22 8.51 -12.12
C LYS B 278 35.41 9.26 -12.66
N GLN B 279 36.60 8.85 -12.22
CA GLN B 279 37.84 9.52 -12.63
C GLN B 279 38.87 8.49 -13.07
N GLN B 280 39.25 8.56 -14.34
CA GLN B 280 40.16 7.59 -14.92
C GLN B 280 41.19 8.28 -15.82
N ASP B 281 42.45 7.91 -15.64
CA ASP B 281 43.55 8.47 -16.42
C ASP B 281 43.64 9.98 -16.19
N GLY B 282 43.52 10.40 -14.93
CA GLY B 282 43.63 11.80 -14.56
C GLY B 282 42.61 12.75 -15.17
N ALA B 283 41.39 12.25 -15.41
CA ALA B 283 40.29 13.10 -15.85
C ALA B 283 38.94 12.52 -15.40
N ILE B 284 38.05 13.40 -14.97
CA ILE B 284 36.72 13.01 -14.53
C ILE B 284 35.80 12.76 -15.72
N SER B 285 35.32 11.54 -15.85
CA SER B 285 34.45 11.18 -16.98
C SER B 285 32.97 11.39 -16.68
N LYS B 286 32.57 11.24 -15.42
CA LYS B 286 31.17 11.49 -15.07
C LYS B 286 30.91 11.70 -13.59
N TYR B 287 29.88 12.48 -13.32
CA TYR B 287 29.30 12.55 -12.00
C TYR B 287 28.01 11.75 -12.10
N HIS B 288 27.75 10.89 -11.13
CA HIS B 288 26.56 10.07 -11.24
C HIS B 288 25.95 9.68 -9.91
N VAL B 289 24.64 9.42 -9.95
CA VAL B 289 23.95 8.86 -8.81
C VAL B 289 23.21 7.63 -9.25
N MET B 290 22.82 6.81 -8.28
CA MET B 290 22.07 5.61 -8.56
C MET B 290 21.26 5.27 -7.33
N GLY B 291 20.33 4.35 -7.46
CA GLY B 291 19.55 3.90 -6.33
C GLY B 291 18.93 2.57 -6.66
N TYR B 292 18.86 1.70 -5.67
CA TYR B 292 18.16 0.43 -5.78
C TYR B 292 17.29 0.18 -4.55
N ASP B 293 16.00 -0.05 -4.80
CA ASP B 293 15.05 -0.41 -3.76
C ASP B 293 14.20 -1.55 -4.30
N PRO B 294 13.49 -2.27 -3.42
CA PRO B 294 12.48 -3.20 -3.95
C PRO B 294 11.53 -2.50 -4.92
N GLY B 295 11.44 -3.00 -6.15
CA GLY B 295 10.59 -2.42 -7.17
C GLY B 295 11.10 -1.14 -7.83
N VAL B 296 12.37 -0.83 -7.58
CA VAL B 296 12.96 0.45 -8.04
C VAL B 296 14.42 0.31 -8.44
N CYS B 297 14.79 0.90 -9.57
CA CYS B 297 16.21 1.14 -9.87
C CYS B 297 16.37 2.43 -10.69
N PHE B 298 17.56 3.00 -10.64
CA PHE B 298 17.78 4.36 -11.12
C PHE B 298 19.26 4.59 -11.34
N HIS B 299 19.61 5.16 -12.50
CA HIS B 299 20.97 5.59 -12.77
C HIS B 299 20.89 6.89 -13.51
N SER B 300 21.69 7.87 -13.08
CA SER B 300 21.71 9.14 -13.79
C SER B 300 23.11 9.75 -13.68
N ALA B 301 23.50 10.49 -14.72
CA ALA B 301 24.86 10.98 -14.81
C ALA B 301 24.99 12.24 -15.65
N PHE B 302 26.01 13.03 -15.34
CA PHE B 302 26.39 14.17 -16.15
C PHE B 302 27.82 13.96 -16.64
N TYR B 303 28.00 14.00 -17.94
CA TYR B 303 29.30 13.76 -18.54
C TYR B 303 29.95 15.09 -18.95
N PRO B 304 30.89 15.59 -18.13
CA PRO B 304 31.54 16.89 -18.29
C PRO B 304 32.16 17.09 -19.68
N THR B 305 32.63 16.01 -20.27
CA THR B 305 33.29 16.08 -21.58
C THR B 305 32.34 16.57 -22.66
N SER B 306 31.21 15.88 -22.79
CA SER B 306 30.28 16.15 -23.86
C SER B 306 29.14 17.02 -23.36
N ASN B 307 29.23 17.44 -22.10
CA ASN B 307 28.09 18.03 -21.41
C ASN B 307 26.85 17.19 -21.60
N GLY B 308 27.02 15.86 -21.53
CA GLY B 308 25.93 14.94 -21.70
C GLY B 308 25.18 14.70 -20.41
N ILE B 309 23.90 14.34 -20.52
CA ILE B 309 23.08 13.95 -19.38
C ILE B 309 22.34 12.68 -19.75
N VAL B 310 22.41 11.69 -18.87
CA VAL B 310 21.62 10.47 -19.02
C VAL B 310 20.77 10.27 -17.76
N VAL B 311 19.55 9.80 -17.96
CA VAL B 311 18.66 9.52 -16.84
C VAL B 311 17.97 8.21 -17.16
N VAL B 312 18.12 7.23 -16.28
CA VAL B 312 17.36 5.98 -16.42
C VAL B 312 16.51 5.74 -15.18
N CYS B 313 15.19 5.87 -15.35
CA CYS B 313 14.24 5.58 -14.27
C CYS B 313 13.53 4.26 -14.59
N ALA B 314 13.38 3.41 -13.59
CA ALA B 314 12.65 2.16 -13.79
C ALA B 314 11.80 1.77 -12.58
N ASN B 315 10.59 1.28 -12.85
CA ASN B 315 9.72 0.76 -11.79
C ASN B 315 9.81 -0.75 -11.68
N GLN B 316 11.03 -1.26 -11.83
CA GLN B 316 11.35 -2.65 -11.53
C GLN B 316 12.67 -2.69 -10.78
N SER B 317 13.04 -3.86 -10.26
CA SER B 317 14.14 -3.96 -9.32
C SER B 317 15.56 -3.81 -9.91
N SER B 318 15.78 -4.24 -11.15
CA SER B 318 17.08 -4.10 -11.78
C SER B 318 16.99 -3.84 -13.28
N GLY B 319 18.10 -3.37 -13.86
CA GLY B 319 18.17 -3.17 -15.30
C GLY B 319 18.63 -1.80 -15.75
N ALA B 320 18.43 -0.78 -14.91
CA ALA B 320 18.78 0.59 -15.30
C ALA B 320 20.26 0.74 -15.63
N TYR B 321 21.10 -0.08 -15.00
CA TYR B 321 22.52 0.03 -15.23
C TYR B 321 22.91 -0.41 -16.64
N ASP B 322 22.44 -1.59 -17.03
CA ASP B 322 22.70 -2.12 -18.36
C ASP B 322 22.18 -1.18 -19.44
N VAL B 323 21.06 -0.53 -19.17
CA VAL B 323 20.52 0.45 -20.11
C VAL B 323 21.37 1.71 -20.09
N MET B 324 21.88 2.06 -18.91
CA MET B 324 22.75 3.22 -18.79
C MET B 324 24.07 3.04 -19.55
N ALA B 325 24.68 1.86 -19.42
CA ALA B 325 25.90 1.54 -20.14
C ALA B 325 25.67 1.61 -21.65
N ALA B 326 24.56 1.03 -22.12
CA ALA B 326 24.20 1.05 -23.54
C ALA B 326 24.12 2.46 -24.07
N ILE B 327 23.66 3.38 -23.23
CA ILE B 327 23.44 4.77 -23.65
C ILE B 327 24.73 5.58 -23.63
N GLU B 328 25.54 5.42 -22.59
CA GLU B 328 26.75 6.22 -22.49
C GLU B 328 27.74 5.79 -23.56
N ALA B 329 27.58 4.57 -24.05
CA ALA B 329 28.31 4.08 -25.21
C ALA B 329 28.02 4.96 -26.43
N LEU B 330 26.73 5.18 -26.69
CA LEU B 330 26.29 6.07 -27.76
C LEU B 330 27.11 7.36 -27.80
N PHE B 331 27.44 7.90 -26.64
CA PHE B 331 28.33 9.05 -26.55
C PHE B 331 29.68 8.71 -27.20
#